data_8GYW
#
_entry.id   8GYW
#
_cell.length_a   1.00
_cell.length_b   1.00
_cell.length_c   1.00
_cell.angle_alpha   90.00
_cell.angle_beta   90.00
_cell.angle_gamma   90.00
#
_symmetry.space_group_name_H-M   'P 1'
#
loop_
_entity.id
_entity.type
_entity.pdbx_description
1 polymer 'Choline/ethanolaminephosphotransferase 1'
2 non-polymer 'MAGNESIUM ION'
3 non-polymer "[2-CYTIDYLATE-O'-PHOSPHONYLOXYL]-ETHYL-TRIMETHYL-AMMONIUM"
#
_entity_poly.entity_id   1
_entity_poly.type   'polypeptide(L)'
_entity_poly.pdbx_seq_one_letter_code
;TGCVLNKLFQLPTPPLSRHQLKRLEEHRYQSAGRSLLEPLMQGYWEWLVRRVPSWIAPNLITIIGLSINICTTILLVFYC
PTATEQAPLWAYIACACGLFIYQSLDAIDGKQARRTNSSSPLGELFDHGCDSLSTVFVVLGTCIAVQLGTNPDWMFFCCF
AGTFMFYCAHWQTYVSGTLRFGIIDVTEVQIFIIIMHLLAVIGGPPFWQSMIPVLNIQMKIFPALCTVAGTIFSCTNYFR
VIFTGGVGKNGSTIAGTSVLSPFLHIGSVITLAAMIYKKSAVQLFEKHPCLYILTFGFVSAKITNKLVVAHMTKSEMHLH
DTAFIGPALLFLDQYFNSFIDEYIVLWIALVFSFFDLIRYCVSVCNQIASHLHIHVFRIK
;
_entity_poly.pdbx_strand_id   B,A
#
# COMPACT_ATOMS: atom_id res chain seq x y z
N THR A 1 25.61 -24.35 1.46
CA THR A 1 25.81 -22.92 1.68
C THR A 1 25.39 -22.12 0.46
N GLY A 2 25.78 -22.59 -0.72
CA GLY A 2 25.39 -21.93 -1.95
C GLY A 2 23.90 -21.98 -2.27
N CYS A 3 23.22 -23.07 -1.91
CA CYS A 3 21.77 -23.16 -2.12
C CYS A 3 20.97 -22.22 -1.22
N VAL A 4 21.32 -22.12 0.06
CA VAL A 4 20.60 -21.20 0.96
C VAL A 4 20.86 -19.75 0.58
N LEU A 5 22.11 -19.40 0.27
CA LEU A 5 22.45 -18.03 -0.11
C LEU A 5 21.75 -17.60 -1.40
N ASN A 6 21.74 -18.48 -2.42
CA ASN A 6 21.01 -18.20 -3.66
C ASN A 6 19.52 -18.02 -3.41
N LYS A 7 18.93 -18.87 -2.56
CA LYS A 7 17.53 -18.74 -2.18
C LYS A 7 17.27 -17.44 -1.42
N LEU A 8 18.25 -16.97 -0.64
CA LEU A 8 18.10 -15.73 0.12
C LEU A 8 18.03 -14.51 -0.79
N PHE A 9 18.71 -14.54 -1.94
CA PHE A 9 18.75 -13.36 -2.80
C PHE A 9 17.78 -13.42 -3.98
N GLN A 10 17.20 -14.57 -4.28
CA GLN A 10 16.19 -14.62 -5.32
C GLN A 10 14.83 -14.23 -4.73
N LEU A 11 14.08 -13.45 -5.49
CA LEU A 11 12.70 -13.15 -5.11
C LEU A 11 11.86 -14.41 -5.29
N PRO A 12 10.89 -14.68 -4.39
CA PRO A 12 10.03 -15.87 -4.59
C PRO A 12 9.22 -15.89 -5.88
N THR A 13 8.76 -14.73 -6.35
CA THR A 13 8.06 -14.68 -7.62
C THR A 13 8.89 -13.91 -8.64
N PRO A 14 8.94 -14.36 -9.90
CA PRO A 14 9.66 -13.59 -10.94
C PRO A 14 9.10 -12.19 -11.11
N PRO A 15 9.96 -11.16 -11.04
CA PRO A 15 9.46 -9.78 -11.13
C PRO A 15 8.93 -9.38 -12.49
N LEU A 16 9.36 -10.02 -13.58
CA LEU A 16 8.90 -9.69 -14.91
C LEU A 16 8.08 -10.81 -15.54
N SER A 17 6.98 -10.44 -16.20
CA SER A 17 6.24 -11.37 -17.05
C SER A 17 7.05 -11.66 -18.32
N ARG A 18 6.75 -12.80 -18.95
CA ARG A 18 7.37 -13.19 -20.22
C ARG A 18 7.19 -12.19 -21.36
N HIS A 19 6.06 -11.49 -21.43
CA HIS A 19 5.86 -10.52 -22.51
C HIS A 19 6.69 -9.24 -22.37
N GLN A 20 6.85 -8.72 -21.16
CA GLN A 20 7.75 -7.56 -20.97
C GLN A 20 9.23 -7.85 -21.30
N LEU A 21 9.79 -8.99 -20.90
CA LEU A 21 11.18 -9.30 -21.32
C LEU A 21 11.33 -9.34 -22.84
N LYS A 22 10.38 -9.97 -23.54
CA LYS A 22 10.42 -9.94 -25.00
C LYS A 22 10.33 -8.50 -25.53
N ARG A 23 9.46 -7.68 -24.94
CA ARG A 23 9.38 -6.27 -25.31
C ARG A 23 10.68 -5.53 -24.95
N LEU A 24 11.35 -5.96 -23.88
CA LEU A 24 12.66 -5.42 -23.49
C LEU A 24 13.73 -5.68 -24.55
N GLU A 25 13.67 -6.86 -25.18
CA GLU A 25 14.58 -7.21 -26.27
C GLU A 25 14.45 -6.28 -27.47
N GLU A 26 13.26 -5.75 -27.73
CA GLU A 26 13.05 -4.82 -28.83
C GLU A 26 13.49 -3.40 -28.53
N HIS A 27 13.86 -3.09 -27.28
CA HIS A 27 14.29 -1.74 -26.92
C HIS A 27 15.61 -1.40 -27.61
N ARG A 28 15.72 -0.15 -28.07
CA ARG A 28 16.94 0.37 -28.68
C ARG A 28 17.24 1.71 -28.03
N TYR A 29 18.40 1.79 -27.38
CA TYR A 29 18.91 3.01 -26.77
C TYR A 29 19.02 4.16 -27.77
N GLN A 30 18.50 5.32 -27.35
CA GLN A 30 18.55 6.58 -28.07
C GLN A 30 18.90 7.67 -27.07
N SER A 31 19.95 8.44 -27.35
CA SER A 31 20.29 9.60 -26.54
C SER A 31 20.54 10.80 -27.43
N ALA A 32 20.33 11.98 -26.85
CA ALA A 32 20.53 13.25 -27.52
C ALA A 32 21.10 14.28 -26.55
N GLY A 33 21.75 15.30 -27.11
CA GLY A 33 22.40 16.34 -26.35
C GLY A 33 23.89 16.09 -26.14
N ARG A 34 24.52 17.11 -25.55
CA ARG A 34 25.95 17.15 -25.29
C ARG A 34 26.16 18.07 -24.10
N SER A 35 26.89 17.57 -23.11
CA SER A 35 27.25 18.43 -21.98
C SER A 35 28.38 19.40 -22.33
N LEU A 36 28.51 20.42 -21.47
CA LEU A 36 29.46 21.52 -21.66
C LEU A 36 30.91 21.02 -21.62
N LEU A 37 31.25 20.20 -20.63
CA LEU A 37 32.62 19.77 -20.39
C LEU A 37 32.97 18.44 -21.03
N GLU A 38 31.96 17.63 -21.39
CA GLU A 38 32.11 16.34 -22.07
C GLU A 38 33.06 16.31 -23.28
N PRO A 39 33.05 17.25 -24.25
CA PRO A 39 33.98 17.11 -25.39
C PRO A 39 35.47 17.14 -25.05
N LEU A 40 35.88 17.91 -24.04
CA LEU A 40 37.27 17.89 -23.60
C LEU A 40 37.66 16.56 -22.96
N MET A 41 36.80 15.98 -22.12
CA MET A 41 37.11 14.71 -21.48
C MET A 41 37.08 13.50 -22.43
N GLN A 42 36.37 13.58 -23.56
CA GLN A 42 36.30 12.46 -24.52
C GLN A 42 37.68 12.01 -24.97
N GLY A 43 38.59 12.96 -25.24
CA GLY A 43 39.94 12.60 -25.63
C GLY A 43 40.69 11.81 -24.57
N TYR A 44 40.50 12.19 -23.31
CA TYR A 44 41.07 11.44 -22.19
C TYR A 44 40.44 10.06 -22.04
N TRP A 45 39.10 9.98 -22.11
CA TRP A 45 38.41 8.70 -21.96
C TRP A 45 38.66 7.75 -23.13
N GLU A 46 38.80 8.27 -24.34
CA GLU A 46 39.18 7.43 -25.48
C GLU A 46 40.58 6.85 -25.33
N TRP A 47 41.53 7.63 -24.78
CA TRP A 47 42.84 7.08 -24.45
C TRP A 47 42.75 5.99 -23.38
N LEU A 48 41.98 6.22 -22.32
CA LEU A 48 41.91 5.29 -21.20
C LEU A 48 41.28 3.96 -21.56
N VAL A 49 40.12 3.98 -22.25
CA VAL A 49 39.41 2.77 -22.65
C VAL A 49 40.22 1.84 -23.57
N ARG A 50 41.08 2.39 -24.43
CA ARG A 50 41.92 1.57 -25.30
C ARG A 50 42.96 0.76 -24.52
N ARG A 51 43.35 1.21 -23.34
CA ARG A 51 44.27 0.46 -22.49
C ARG A 51 43.62 -0.68 -21.72
N VAL A 52 42.30 -0.67 -21.55
CA VAL A 52 41.59 -1.77 -20.89
C VAL A 52 41.60 -3.01 -21.81
N PRO A 53 42.07 -4.17 -21.32
CA PRO A 53 41.96 -5.41 -22.10
C PRO A 53 40.53 -5.80 -22.47
N SER A 54 40.40 -6.35 -23.67
CA SER A 54 39.12 -6.73 -24.28
C SER A 54 38.40 -7.89 -23.57
N TRP A 55 39.08 -8.65 -22.72
CA TRP A 55 38.42 -9.74 -21.99
C TRP A 55 37.65 -9.30 -20.74
N ILE A 56 37.83 -8.07 -20.28
CA ILE A 56 37.08 -7.56 -19.12
C ILE A 56 35.66 -7.22 -19.56
N ALA A 57 34.67 -7.88 -18.94
CA ALA A 57 33.27 -7.60 -19.21
C ALA A 57 32.91 -6.20 -18.69
N PRO A 58 32.02 -5.46 -19.40
CA PRO A 58 31.54 -4.15 -18.93
C PRO A 58 31.02 -4.04 -17.50
N ASN A 59 30.11 -4.92 -17.10
CA ASN A 59 29.52 -4.88 -15.76
C ASN A 59 30.52 -5.10 -14.62
N LEU A 60 31.65 -5.75 -14.89
CA LEU A 60 32.67 -5.87 -13.85
C LEU A 60 33.38 -4.54 -13.56
N ILE A 61 33.60 -3.67 -14.56
CA ILE A 61 34.15 -2.33 -14.30
C ILE A 61 33.21 -1.52 -13.41
N THR A 62 31.92 -1.52 -13.75
CA THR A 62 30.88 -0.80 -12.99
C THR A 62 30.91 -1.22 -11.52
N ILE A 63 30.94 -2.54 -11.27
CA ILE A 63 30.94 -3.05 -9.90
C ILE A 63 32.25 -2.67 -9.18
N ILE A 64 33.36 -2.56 -9.93
CA ILE A 64 34.61 -2.05 -9.37
C ILE A 64 34.45 -0.59 -8.96
N GLY A 65 33.84 0.22 -9.83
CA GLY A 65 33.50 1.60 -9.55
C GLY A 65 32.68 1.76 -8.29
N LEU A 66 31.54 1.06 -8.20
CA LEU A 66 30.73 1.12 -6.98
C LEU A 66 31.51 0.73 -5.73
N SER A 67 32.29 -0.37 -5.81
CA SER A 67 33.06 -0.84 -4.66
C SER A 67 34.10 0.18 -4.19
N ILE A 68 34.78 0.85 -5.12
CA ILE A 68 35.71 1.92 -4.72
C ILE A 68 34.94 3.08 -4.09
N ASN A 69 33.82 3.48 -4.72
CA ASN A 69 32.97 4.55 -4.20
C ASN A 69 32.36 4.24 -2.84
N ILE A 70 31.81 3.04 -2.67
CA ILE A 70 31.23 2.63 -1.39
C ILE A 70 32.27 2.65 -0.27
N CYS A 71 33.42 2.00 -0.50
CA CYS A 71 34.46 1.88 0.53
C CYS A 71 35.01 3.23 0.99
N THR A 72 35.27 4.13 0.06
CA THR A 72 35.79 5.44 0.43
C THR A 72 34.78 6.31 1.18
N THR A 73 33.53 6.31 0.73
CA THR A 73 32.48 7.03 1.45
C THR A 73 32.16 6.42 2.81
N ILE A 74 32.09 5.09 2.91
CA ILE A 74 31.81 4.43 4.19
C ILE A 74 32.92 4.70 5.20
N LEU A 75 34.18 4.69 4.75
CA LEU A 75 35.29 5.10 5.59
C LEU A 75 35.14 6.55 6.07
N LEU A 76 34.73 7.44 5.17
CA LEU A 76 34.48 8.83 5.54
C LEU A 76 33.29 8.95 6.51
N VAL A 77 32.22 8.18 6.28
CA VAL A 77 31.10 8.09 7.20
C VAL A 77 31.54 7.52 8.56
N PHE A 78 32.45 6.54 8.54
CA PHE A 78 32.98 5.95 9.76
C PHE A 78 33.74 6.96 10.62
N TYR A 79 34.52 7.83 9.99
CA TYR A 79 35.21 8.86 10.77
C TYR A 79 34.31 10.01 11.20
N CYS A 80 33.29 10.38 10.44
CA CYS A 80 32.51 11.58 10.75
C CYS A 80 31.01 11.32 10.76
N PRO A 81 30.53 10.47 11.67
CA PRO A 81 29.09 10.11 11.64
C PRO A 81 28.01 11.20 11.95
N THR A 82 28.28 12.26 12.71
CA THR A 82 27.37 13.37 13.00
C THR A 82 27.63 14.55 12.07
N ALA A 83 28.59 14.40 11.15
CA ALA A 83 29.11 15.45 10.26
C ALA A 83 29.66 16.68 10.99
N THR A 84 30.13 16.54 12.23
CA THR A 84 30.78 17.70 12.85
C THR A 84 32.27 17.50 13.05
N GLU A 85 32.77 16.27 13.10
CA GLU A 85 34.19 16.05 13.35
C GLU A 85 34.99 16.36 12.09
N GLN A 86 36.32 16.42 12.26
CA GLN A 86 37.24 16.50 11.13
C GLN A 86 37.95 15.17 10.97
N ALA A 87 37.82 14.56 9.79
CA ALA A 87 38.57 13.37 9.44
C ALA A 87 39.99 13.76 9.05
N PRO A 88 40.94 12.82 9.14
CA PRO A 88 42.24 13.00 8.49
C PRO A 88 42.14 13.35 7.00
N LEU A 89 43.02 14.27 6.58
CA LEU A 89 43.04 14.85 5.23
C LEU A 89 43.11 13.79 4.12
N TRP A 90 43.86 12.71 4.35
CA TRP A 90 44.01 11.65 3.37
C TRP A 90 42.70 10.92 3.07
N ALA A 91 41.75 10.93 4.00
CA ALA A 91 40.46 10.30 3.73
C ALA A 91 39.65 11.07 2.69
N TYR A 92 39.68 12.41 2.75
CA TYR A 92 39.07 13.23 1.71
C TYR A 92 39.77 13.09 0.36
N ILE A 93 41.10 12.99 0.37
CA ILE A 93 41.86 12.73 -0.85
C ILE A 93 41.47 11.37 -1.45
N ALA A 94 41.34 10.34 -0.61
CA ALA A 94 40.93 9.02 -1.06
C ALA A 94 39.54 9.05 -1.68
N CYS A 95 38.61 9.78 -1.06
CA CYS A 95 37.28 9.99 -1.64
C CYS A 95 37.37 10.79 -2.95
N ALA A 96 38.21 11.81 -2.97
CA ALA A 96 38.43 12.61 -4.19
C ALA A 96 38.97 11.74 -5.33
N CYS A 97 40.00 10.94 -5.04
CA CYS A 97 40.55 10.02 -6.03
C CYS A 97 39.53 8.95 -6.41
N GLY A 98 38.78 8.44 -5.43
CA GLY A 98 37.77 7.42 -5.69
C GLY A 98 36.67 7.88 -6.63
N LEU A 99 36.17 9.10 -6.42
CA LEU A 99 35.16 9.67 -7.33
C LEU A 99 35.72 9.92 -8.73
N PHE A 100 36.96 10.38 -8.82
CA PHE A 100 37.62 10.56 -10.12
C PHE A 100 37.75 9.20 -10.83
N ILE A 101 38.11 8.15 -10.09
CA ILE A 101 38.18 6.80 -10.66
C ILE A 101 36.79 6.32 -11.10
N TYR A 102 35.78 6.53 -10.25
CA TYR A 102 34.38 6.22 -10.58
C TYR A 102 33.95 6.86 -11.90
N GLN A 103 34.05 8.19 -12.00
CA GLN A 103 33.71 8.93 -13.23
C GLN A 103 34.45 8.39 -14.44
N SER A 104 35.74 8.08 -14.28
CA SER A 104 36.55 7.60 -15.40
C SER A 104 36.15 6.18 -15.81
N LEU A 105 35.81 5.34 -14.83
CA LEU A 105 35.40 3.98 -15.13
C LEU A 105 34.00 3.90 -15.72
N ASP A 106 33.07 4.71 -15.18
CA ASP A 106 31.73 4.86 -15.75
C ASP A 106 31.76 5.29 -17.22
N ALA A 107 32.44 6.40 -17.52
CA ALA A 107 32.47 6.93 -18.88
C ALA A 107 33.13 6.01 -19.92
N ILE A 108 33.93 5.02 -19.50
CA ILE A 108 34.56 4.14 -20.48
C ILE A 108 33.85 2.80 -20.65
N ASP A 109 32.89 2.46 -19.77
CA ASP A 109 32.27 1.14 -19.81
C ASP A 109 31.45 0.94 -21.09
N GLY A 110 30.68 1.96 -21.50
CA GLY A 110 29.95 1.88 -22.75
C GLY A 110 30.84 1.92 -23.98
N LYS A 111 31.99 2.60 -23.89
CA LYS A 111 32.96 2.53 -24.99
C LYS A 111 33.54 1.13 -25.11
N GLN A 112 33.83 0.48 -23.98
CA GLN A 112 34.26 -0.92 -24.00
C GLN A 112 33.16 -1.82 -24.54
N ALA A 113 31.92 -1.57 -24.12
CA ALA A 113 30.77 -2.34 -24.59
C ALA A 113 30.55 -2.24 -26.10
N ARG A 114 30.79 -1.04 -26.61
CA ARG A 114 30.57 -0.85 -28.05
C ARG A 114 31.68 -1.64 -28.74
N ARG A 115 32.91 -1.29 -28.46
CA ARG A 115 34.08 -1.87 -29.14
C ARG A 115 34.06 -3.40 -29.17
N THR A 116 33.52 -4.04 -28.14
CA THR A 116 33.55 -5.49 -28.01
C THR A 116 32.26 -6.18 -28.43
N ASN A 117 31.28 -5.41 -28.91
CA ASN A 117 29.96 -5.94 -29.39
C ASN A 117 29.18 -6.58 -28.26
N SER A 118 29.37 -6.13 -27.03
CA SER A 118 28.77 -6.73 -25.84
C SER A 118 27.68 -5.86 -25.26
N SER A 119 27.26 -4.84 -26.01
CA SER A 119 26.10 -4.01 -25.68
C SER A 119 24.87 -4.90 -25.52
N SER A 120 24.16 -4.74 -24.40
CA SER A 120 22.99 -5.56 -24.13
C SER A 120 22.02 -4.75 -23.27
N PRO A 121 20.72 -5.10 -23.28
CA PRO A 121 19.80 -4.47 -22.31
C PRO A 121 20.18 -4.66 -20.85
N LEU A 122 20.80 -5.78 -20.49
CA LEU A 122 21.31 -5.97 -19.13
C LEU A 122 22.32 -4.89 -18.77
N GLY A 123 23.21 -4.55 -19.70
CA GLY A 123 24.21 -3.53 -19.43
C GLY A 123 23.62 -2.16 -19.17
N GLU A 124 22.66 -1.74 -20.00
CA GLU A 124 21.96 -0.47 -19.79
C GLU A 124 21.21 -0.42 -18.45
N LEU A 125 20.48 -1.48 -18.10
CA LEU A 125 19.81 -1.52 -16.81
C LEU A 125 20.79 -1.50 -15.64
N PHE A 126 21.89 -2.22 -15.76
CA PHE A 126 22.89 -2.31 -14.70
C PHE A 126 23.60 -0.98 -14.48
N ASP A 127 24.00 -0.33 -15.58
CA ASP A 127 24.64 0.99 -15.58
C ASP A 127 23.77 2.00 -14.83
N HIS A 128 22.57 2.30 -15.34
CA HIS A 128 21.68 3.25 -14.68
C HIS A 128 21.30 2.79 -13.27
N GLY A 129 21.28 1.48 -13.04
CA GLY A 129 21.08 0.95 -11.70
C GLY A 129 22.26 1.21 -10.79
N CYS A 130 23.47 1.23 -11.35
CA CYS A 130 24.67 1.60 -10.62
C CYS A 130 24.76 3.10 -10.35
N ASP A 131 24.39 3.93 -11.34
CA ASP A 131 24.35 5.38 -11.14
C ASP A 131 23.40 5.79 -10.03
N SER A 132 22.23 5.14 -9.94
CA SER A 132 21.24 5.43 -8.90
C SER A 132 21.75 5.18 -7.48
N LEU A 133 22.53 4.12 -7.28
CA LEU A 133 23.08 3.87 -5.95
C LEU A 133 24.23 4.81 -5.59
N SER A 134 25.16 5.03 -6.53
CA SER A 134 26.29 5.94 -6.32
C SER A 134 25.89 7.37 -5.96
N THR A 135 24.86 7.92 -6.61
CA THR A 135 24.40 9.30 -6.35
C THR A 135 24.11 9.63 -4.87
N VAL A 136 23.47 8.73 -4.11
CA VAL A 136 23.26 9.01 -2.68
C VAL A 136 24.59 9.17 -1.92
N PHE A 137 25.58 8.31 -2.18
CA PHE A 137 26.86 8.37 -1.48
C PHE A 137 27.71 9.60 -1.87
N VAL A 138 27.69 10.02 -3.14
CA VAL A 138 28.46 11.21 -3.54
C VAL A 138 27.93 12.47 -2.85
N VAL A 139 26.61 12.67 -2.84
CA VAL A 139 26.03 13.85 -2.18
C VAL A 139 26.21 13.78 -0.66
N LEU A 140 26.13 12.58 -0.07
CA LEU A 140 26.39 12.41 1.36
C LEU A 140 27.84 12.75 1.69
N GLY A 141 28.77 12.22 0.89
CA GLY A 141 30.20 12.53 1.06
C GLY A 141 30.48 14.01 0.93
N THR A 142 29.79 14.68 0.00
CA THR A 142 29.86 16.13 -0.14
C THR A 142 29.43 16.83 1.14
N CYS A 143 28.30 16.38 1.70
CA CYS A 143 27.77 16.94 2.94
C CYS A 143 28.72 16.74 4.12
N ILE A 144 29.42 15.61 4.16
CA ILE A 144 30.43 15.41 5.18
C ILE A 144 31.59 16.39 5.00
N ALA A 145 32.04 16.56 3.75
CA ALA A 145 33.15 17.44 3.43
C ALA A 145 32.89 18.89 3.84
N VAL A 146 31.65 19.35 3.75
CA VAL A 146 31.32 20.72 4.14
C VAL A 146 30.78 20.83 5.57
N GLN A 147 30.72 19.70 6.30
CA GLN A 147 30.16 19.60 7.66
C GLN A 147 28.74 20.17 7.77
N LEU A 148 27.88 19.80 6.83
CA LEU A 148 26.50 20.30 6.77
C LEU A 148 25.57 19.72 7.84
N GLY A 149 26.00 18.70 8.59
CA GLY A 149 25.23 18.18 9.72
C GLY A 149 24.92 19.15 10.85
N THR A 150 25.70 20.22 11.01
CA THR A 150 25.35 21.26 11.96
C THR A 150 24.15 22.10 11.54
N ASN A 151 23.67 21.98 10.30
CA ASN A 151 22.50 22.72 9.81
C ASN A 151 21.56 21.77 9.07
N PRO A 152 20.84 20.91 9.81
CA PRO A 152 20.05 19.80 9.22
C PRO A 152 19.05 20.14 8.13
N ASP A 153 18.32 21.27 8.24
CA ASP A 153 17.37 21.66 7.20
C ASP A 153 18.03 21.86 5.84
N TRP A 154 19.22 22.45 5.82
CA TRP A 154 19.93 22.57 4.55
C TRP A 154 20.46 21.20 4.09
N MET A 155 20.94 20.39 5.03
CA MET A 155 21.38 19.03 4.75
C MET A 155 20.27 18.14 4.21
N PHE A 156 19.10 18.18 4.84
CA PHE A 156 17.93 17.44 4.36
C PHE A 156 17.55 17.80 2.93
N PHE A 157 17.36 19.11 2.68
CA PHE A 157 16.97 19.57 1.34
C PHE A 157 17.97 19.18 0.25
N CYS A 158 19.26 19.48 0.45
CA CYS A 158 20.28 19.26 -0.58
C CYS A 158 20.45 17.78 -0.95
N CYS A 159 20.47 16.89 0.03
CA CYS A 159 20.65 15.46 -0.25
C CYS A 159 19.46 14.88 -1.02
N PHE A 160 18.24 15.22 -0.58
CA PHE A 160 17.04 14.72 -1.23
C PHE A 160 16.75 15.40 -2.57
N ALA A 161 17.16 16.66 -2.72
CA ALA A 161 17.04 17.33 -4.03
C ALA A 161 17.87 16.63 -5.10
N GLY A 162 19.11 16.26 -4.77
CA GLY A 162 19.94 15.53 -5.72
C GLY A 162 19.33 14.21 -6.14
N THR A 163 18.81 13.44 -5.17
CA THR A 163 18.12 12.20 -5.52
C THR A 163 16.87 12.47 -6.37
N PHE A 164 16.11 13.51 -6.01
CA PHE A 164 14.92 13.87 -6.78
C PHE A 164 15.25 14.38 -8.17
N MET A 165 16.29 15.19 -8.32
CA MET A 165 16.71 15.64 -9.65
C MET A 165 17.18 14.48 -10.53
N PHE A 166 17.98 13.56 -9.96
CA PHE A 166 18.42 12.37 -10.69
C PHE A 166 17.26 11.47 -11.11
N TYR A 167 16.29 11.27 -10.23
CA TYR A 167 15.07 10.54 -10.60
C TYR A 167 14.30 11.25 -11.71
N CYS A 168 14.17 12.57 -11.61
CA CYS A 168 13.45 13.37 -12.60
C CYS A 168 14.09 13.32 -13.98
N ALA A 169 15.44 13.25 -14.05
CA ALA A 169 16.13 13.04 -15.32
C ALA A 169 15.69 11.74 -15.99
N HIS A 170 15.56 10.68 -15.20
CA HIS A 170 15.08 9.38 -15.65
C HIS A 170 13.58 9.39 -15.92
N TRP A 171 12.84 10.24 -15.21
CA TRP A 171 11.40 10.42 -15.46
C TRP A 171 11.18 10.96 -16.87
N GLN A 172 11.94 11.98 -17.27
CA GLN A 172 11.90 12.48 -18.66
C GLN A 172 12.17 11.37 -19.67
N THR A 173 13.09 10.47 -19.35
CA THR A 173 13.38 9.34 -20.23
C THR A 173 12.22 8.36 -20.31
N TYR A 174 11.54 8.10 -19.18
CA TYR A 174 10.33 7.29 -19.21
C TYR A 174 9.19 7.87 -20.05
N VAL A 175 9.03 9.19 -20.10
CA VAL A 175 7.99 9.73 -20.97
C VAL A 175 8.45 9.80 -22.42
N SER A 176 9.65 10.36 -22.67
CA SER A 176 10.07 10.71 -24.02
C SER A 176 10.94 9.66 -24.70
N GLY A 177 11.43 8.64 -24.00
CA GLY A 177 12.29 7.69 -24.67
C GLY A 177 13.73 8.10 -24.93
N THR A 178 14.15 9.30 -24.55
CA THR A 178 15.49 9.75 -24.91
C THR A 178 16.16 10.43 -23.72
N LEU A 179 17.39 10.01 -23.44
CA LEU A 179 18.24 10.68 -22.44
C LEU A 179 18.75 12.00 -22.99
N ARG A 180 18.42 13.09 -22.31
CA ARG A 180 18.78 14.43 -22.75
C ARG A 180 19.76 15.01 -21.74
N PHE A 181 20.96 15.36 -22.20
CA PHE A 181 21.94 15.96 -21.32
C PHE A 181 21.79 17.49 -21.33
N GLY A 182 21.86 18.08 -20.14
CA GLY A 182 21.86 19.52 -20.01
C GLY A 182 23.25 20.11 -20.14
N ILE A 183 23.29 21.45 -20.03
CA ILE A 183 24.58 22.14 -19.98
C ILE A 183 25.30 21.82 -18.68
N ILE A 184 24.56 21.79 -17.57
CA ILE A 184 25.04 21.32 -16.28
C ILE A 184 24.42 19.96 -16.02
N ASP A 185 25.26 18.92 -15.99
CA ASP A 185 24.79 17.56 -15.78
C ASP A 185 25.76 16.88 -14.79
N VAL A 186 25.69 15.54 -14.74
CA VAL A 186 26.44 14.70 -13.81
C VAL A 186 27.93 15.05 -13.81
N THR A 187 28.50 15.30 -15.00
CA THR A 187 29.91 15.62 -15.13
C THR A 187 30.28 16.93 -14.40
N GLU A 188 29.51 18.02 -14.63
CA GLU A 188 29.80 19.29 -13.98
C GLU A 188 29.59 19.22 -12.47
N VAL A 189 28.54 18.54 -12.02
CA VAL A 189 28.27 18.40 -10.59
C VAL A 189 29.38 17.63 -9.88
N GLN A 190 29.80 16.50 -10.47
CA GLN A 190 30.88 15.70 -9.90
C GLN A 190 32.23 16.43 -9.91
N ILE A 191 32.53 17.17 -11.00
CA ILE A 191 33.74 17.98 -11.03
C ILE A 191 33.70 19.06 -9.94
N PHE A 192 32.53 19.69 -9.75
CA PHE A 192 32.36 20.64 -8.65
C PHE A 192 32.59 19.98 -7.29
N ILE A 193 32.09 18.75 -7.11
CA ILE A 193 32.30 18.04 -5.85
C ILE A 193 33.75 17.62 -5.59
N ILE A 194 34.49 17.14 -6.61
CA ILE A 194 35.93 16.83 -6.42
C ILE A 194 36.75 18.06 -6.01
N ILE A 195 36.57 19.19 -6.69
CA ILE A 195 37.27 20.43 -6.31
C ILE A 195 36.90 20.88 -4.89
N MET A 196 35.62 20.78 -4.52
CA MET A 196 35.14 21.14 -3.18
C MET A 196 35.81 20.33 -2.08
N HIS A 197 36.01 19.03 -2.31
CA HIS A 197 36.75 18.20 -1.37
C HIS A 197 38.20 18.67 -1.23
N LEU A 198 38.83 19.09 -2.33
CA LEU A 198 40.19 19.62 -2.23
C LEU A 198 40.25 20.94 -1.46
N LEU A 199 39.24 21.82 -1.60
CA LEU A 199 39.18 23.01 -0.73
C LEU A 199 38.98 22.63 0.74
N ALA A 200 38.19 21.59 1.01
CA ALA A 200 38.07 21.07 2.38
C ALA A 200 39.39 20.55 2.92
N VAL A 201 40.27 20.05 2.05
CA VAL A 201 41.62 19.67 2.46
C VAL A 201 42.44 20.91 2.78
N ILE A 202 42.40 21.91 1.90
CA ILE A 202 43.26 23.09 2.02
C ILE A 202 42.82 23.99 3.16
N GLY A 203 41.51 24.24 3.29
CA GLY A 203 41.08 25.27 4.22
C GLY A 203 40.49 24.79 5.53
N GLY A 204 40.04 23.54 5.58
CA GLY A 204 39.39 22.98 6.74
C GLY A 204 38.15 23.70 7.24
N PRO A 205 37.77 23.41 8.49
CA PRO A 205 36.67 24.15 9.16
C PRO A 205 36.82 25.68 9.19
N PRO A 206 38.02 26.29 9.42
CA PRO A 206 38.05 27.77 9.39
C PRO A 206 37.60 28.43 8.08
N PHE A 207 37.95 27.84 6.95
CA PHE A 207 37.47 28.33 5.65
C PHE A 207 35.96 28.23 5.57
N TRP A 208 35.40 27.07 5.93
CA TRP A 208 33.95 26.87 5.83
C TRP A 208 33.17 27.72 6.84
N GLN A 209 33.78 28.10 7.95
CA GLN A 209 33.16 28.98 8.93
C GLN A 209 33.37 30.46 8.64
N SER A 210 34.26 30.82 7.71
CA SER A 210 34.49 32.21 7.34
C SER A 210 33.23 32.84 6.74
N MET A 211 33.05 34.13 7.02
CA MET A 211 31.89 34.87 6.56
C MET A 211 32.16 35.43 5.16
N ILE A 212 31.19 35.26 4.27
CA ILE A 212 31.17 35.95 2.97
C ILE A 212 30.71 37.40 3.11
N PRO A 213 31.61 38.38 2.94
CA PRO A 213 31.31 39.77 3.35
C PRO A 213 30.13 40.43 2.65
N VAL A 214 29.88 40.10 1.38
CA VAL A 214 28.82 40.77 0.62
C VAL A 214 27.42 40.27 0.94
N LEU A 215 27.25 38.99 1.29
CA LEU A 215 25.90 38.46 1.43
C LEU A 215 25.44 38.30 2.87
N ASN A 216 26.37 38.35 3.83
CA ASN A 216 26.12 38.08 5.25
C ASN A 216 25.44 36.72 5.46
N ILE A 217 25.87 35.73 4.68
CA ILE A 217 25.42 34.35 4.84
C ILE A 217 26.68 33.52 5.08
N GLN A 218 26.52 32.44 5.84
CA GLN A 218 27.62 31.51 6.03
C GLN A 218 27.92 30.75 4.73
N MET A 219 29.22 30.47 4.56
CA MET A 219 29.79 29.79 3.39
C MET A 219 29.14 28.41 3.15
N LYS A 220 28.74 27.73 4.22
CA LYS A 220 28.02 26.46 4.14
C LYS A 220 26.70 26.51 3.36
N ILE A 221 26.05 27.68 3.29
CA ILE A 221 24.78 27.79 2.55
C ILE A 221 25.04 27.95 1.04
N PHE A 222 26.23 28.39 0.63
CA PHE A 222 26.53 28.57 -0.80
C PHE A 222 26.40 27.29 -1.64
N PRO A 223 26.99 26.12 -1.28
CA PRO A 223 26.64 24.91 -2.05
C PRO A 223 25.16 24.58 -2.04
N ALA A 224 24.49 24.86 -0.92
CA ALA A 224 23.05 24.66 -0.82
C ALA A 224 22.27 25.66 -1.66
N LEU A 225 22.72 26.93 -1.67
CA LEU A 225 22.15 27.92 -2.58
C LEU A 225 22.40 27.55 -4.04
N CYS A 226 23.59 27.04 -4.34
CA CYS A 226 23.86 26.49 -5.67
C CYS A 226 22.93 25.33 -5.98
N THR A 227 22.64 24.49 -4.97
CA THR A 227 21.68 23.41 -5.12
C THR A 227 20.27 23.94 -5.40
N VAL A 228 19.85 25.01 -4.70
CA VAL A 228 18.56 25.64 -4.99
C VAL A 228 18.52 26.17 -6.42
N ALA A 229 19.52 26.97 -6.79
CA ALA A 229 19.60 27.55 -8.13
C ALA A 229 19.71 26.46 -9.19
N GLY A 230 20.56 25.46 -8.94
CA GLY A 230 20.66 24.32 -9.84
C GLY A 230 19.38 23.51 -9.99
N THR A 231 18.68 23.26 -8.89
CA THR A 231 17.40 22.55 -8.94
C THR A 231 16.35 23.28 -9.78
N ILE A 232 16.19 24.60 -9.57
CA ILE A 232 15.24 25.40 -10.33
C ILE A 232 15.56 25.37 -11.83
N PHE A 233 16.83 25.57 -12.19
CA PHE A 233 17.26 25.56 -13.58
C PHE A 233 17.03 24.20 -14.22
N SER A 234 17.51 23.14 -13.57
CA SER A 234 17.37 21.77 -14.09
C SER A 234 15.91 21.34 -14.19
N CYS A 235 15.10 21.64 -13.17
CA CYS A 235 13.67 21.31 -13.22
C CYS A 235 12.96 22.02 -14.37
N THR A 236 13.29 23.30 -14.61
CA THR A 236 12.71 24.05 -15.72
C THR A 236 12.95 23.39 -17.08
N ASN A 237 14.17 22.90 -17.31
CA ASN A 237 14.45 22.19 -18.56
C ASN A 237 13.72 20.85 -18.62
N TYR A 238 13.80 20.08 -17.54
CA TYR A 238 13.10 18.81 -17.45
C TYR A 238 11.57 18.95 -17.54
N PHE A 239 10.98 19.87 -16.77
CA PHE A 239 9.51 20.02 -16.72
C PHE A 239 8.85 20.49 -18.01
N ARG A 240 9.48 21.33 -18.83
CA ARG A 240 8.92 21.62 -20.15
C ARG A 240 8.69 20.35 -20.98
N VAL A 241 9.66 19.44 -21.02
CA VAL A 241 9.54 18.22 -21.82
C VAL A 241 8.49 17.22 -21.28
N ILE A 242 8.33 17.05 -19.95
CA ILE A 242 7.27 16.13 -19.47
C ILE A 242 5.88 16.62 -19.87
N PHE A 243 5.64 17.93 -19.80
CA PHE A 243 4.31 18.44 -20.09
C PHE A 243 4.02 18.62 -21.57
N THR A 244 5.03 18.79 -22.43
CA THR A 244 4.78 19.06 -23.83
C THR A 244 5.33 17.97 -24.76
N GLY A 245 6.12 17.04 -24.26
CA GLY A 245 6.87 16.12 -25.11
C GLY A 245 6.39 14.69 -25.07
N GLY A 246 5.20 14.45 -24.54
CA GLY A 246 4.66 13.10 -24.45
C GLY A 246 4.39 12.48 -25.81
N VAL A 247 5.03 11.34 -26.08
CA VAL A 247 4.89 10.67 -27.36
C VAL A 247 3.79 9.63 -27.40
N GLY A 248 3.16 9.31 -26.27
CA GLY A 248 2.06 8.37 -26.26
C GLY A 248 0.76 8.96 -26.78
N LYS A 249 -0.25 8.11 -26.84
CA LYS A 249 -1.61 8.51 -27.22
C LYS A 249 -2.13 9.64 -26.35
N ASN A 250 -2.60 10.71 -27.00
CA ASN A 250 -3.14 11.92 -26.38
C ASN A 250 -2.11 12.60 -25.48
N GLY A 251 -0.83 12.47 -25.82
CA GLY A 251 0.25 13.05 -25.04
C GLY A 251 0.58 12.34 -23.75
N SER A 252 0.17 11.08 -23.58
CA SER A 252 0.54 10.31 -22.40
C SER A 252 1.99 9.82 -22.52
N THR A 253 2.45 9.14 -21.47
CA THR A 253 3.76 8.46 -21.51
C THR A 253 3.78 7.35 -22.57
N ILE A 254 4.99 6.87 -22.86
CA ILE A 254 5.18 5.74 -23.78
C ILE A 254 4.49 4.46 -23.30
N ALA A 255 4.25 4.31 -22.00
CA ALA A 255 3.51 3.16 -21.48
C ALA A 255 2.01 3.37 -21.44
N GLY A 256 1.53 4.54 -21.85
CA GLY A 256 0.12 4.86 -21.76
C GLY A 256 -0.37 5.26 -20.39
N THR A 257 0.53 5.49 -19.42
CA THR A 257 0.13 5.95 -18.10
C THR A 257 0.20 7.46 -18.03
N SER A 258 -0.47 8.01 -17.01
CA SER A 258 -0.40 9.44 -16.69
C SER A 258 1.05 9.91 -16.55
N VAL A 259 1.34 11.08 -17.12
CA VAL A 259 2.64 11.74 -16.97
C VAL A 259 2.98 12.12 -15.53
N LEU A 260 2.00 12.20 -14.62
CA LEU A 260 2.28 12.47 -13.21
C LEU A 260 2.55 11.24 -12.37
N SER A 261 2.38 10.02 -12.92
CA SER A 261 2.56 8.81 -12.13
C SER A 261 3.93 8.59 -11.49
N PRO A 262 5.09 8.92 -12.11
CA PRO A 262 6.36 8.73 -11.38
C PRO A 262 6.57 9.68 -10.21
N PHE A 263 5.95 10.88 -10.25
CA PHE A 263 6.06 11.86 -9.17
C PHE A 263 5.64 11.28 -7.82
N LEU A 264 4.57 10.48 -7.81
CA LEU A 264 4.02 9.90 -6.58
C LEU A 264 5.04 9.02 -5.85
N HIS A 265 5.88 8.30 -6.60
CA HIS A 265 6.83 7.38 -6.00
C HIS A 265 7.95 8.12 -5.29
N ILE A 266 8.67 8.99 -6.00
CA ILE A 266 9.75 9.76 -5.40
C ILE A 266 9.19 10.77 -4.40
N GLY A 267 8.00 11.29 -4.68
CA GLY A 267 7.32 12.18 -3.73
C GLY A 267 7.03 11.51 -2.40
N SER A 268 6.52 10.27 -2.44
CA SER A 268 6.31 9.48 -1.23
C SER A 268 7.60 9.27 -0.44
N VAL A 269 8.71 9.00 -1.11
CA VAL A 269 10.00 8.84 -0.43
C VAL A 269 10.40 10.12 0.28
N ILE A 270 10.33 11.25 -0.44
CA ILE A 270 10.70 12.55 0.11
C ILE A 270 9.73 12.96 1.24
N THR A 271 8.43 12.72 1.04
CA THR A 271 7.44 13.05 2.07
C THR A 271 7.64 12.24 3.35
N LEU A 272 7.88 10.91 3.22
CA LEU A 272 8.17 10.06 4.38
C LEU A 272 9.41 10.53 5.15
N ALA A 273 10.46 10.90 4.43
CA ALA A 273 11.65 11.47 5.06
C ALA A 273 11.30 12.73 5.84
N ALA A 274 10.41 13.55 5.28
CA ALA A 274 9.97 14.78 5.92
C ALA A 274 9.09 14.51 7.14
N MET A 275 8.21 13.50 7.06
CA MET A 275 7.35 13.15 8.19
C MET A 275 8.16 12.70 9.41
N ILE A 276 9.12 11.81 9.20
CA ILE A 276 9.93 11.28 10.28
C ILE A 276 10.83 12.36 10.92
N TYR A 277 11.40 13.25 10.10
CA TYR A 277 12.17 14.39 10.61
C TYR A 277 11.35 15.31 11.53
N LYS A 278 10.22 15.85 11.05
CA LYS A 278 9.54 16.88 11.85
C LYS A 278 8.82 16.33 13.07
N LYS A 279 8.52 15.05 13.12
CA LYS A 279 7.83 14.49 14.28
C LYS A 279 8.75 13.89 15.33
N SER A 280 10.01 13.57 14.97
CA SER A 280 10.94 12.91 15.89
C SER A 280 11.17 13.69 17.18
N ALA A 281 10.82 13.06 18.30
CA ALA A 281 11.02 13.64 19.63
C ALA A 281 12.48 13.60 20.09
N VAL A 282 13.30 12.70 19.54
CA VAL A 282 14.68 12.54 19.98
C VAL A 282 15.69 13.27 19.09
N GLN A 283 15.22 14.03 18.08
CA GLN A 283 16.07 14.72 17.08
C GLN A 283 16.97 13.71 16.36
N LEU A 284 16.33 12.66 15.85
CA LEU A 284 16.96 11.48 15.27
C LEU A 284 17.95 11.80 14.16
N PHE A 285 17.59 12.71 13.25
CA PHE A 285 18.46 13.05 12.12
C PHE A 285 19.70 13.80 12.65
N GLU A 286 19.52 14.71 13.62
CA GLU A 286 20.64 15.49 14.13
C GLU A 286 21.67 14.62 14.87
N LYS A 287 21.22 13.58 15.57
CA LYS A 287 22.16 12.68 16.23
C LYS A 287 22.77 11.64 15.31
N HIS A 288 22.05 11.19 14.27
CA HIS A 288 22.50 10.10 13.41
C HIS A 288 22.33 10.39 11.90
N PRO A 289 22.90 11.50 11.39
CA PRO A 289 22.55 11.92 10.02
C PRO A 289 22.97 10.99 8.90
N CYS A 290 24.18 10.43 8.96
CA CYS A 290 24.67 9.53 7.92
C CYS A 290 23.83 8.26 7.80
N LEU A 291 23.50 7.64 8.94
CA LEU A 291 22.67 6.45 8.96
C LEU A 291 21.29 6.69 8.36
N TYR A 292 20.68 7.84 8.65
CA TYR A 292 19.38 8.19 8.08
C TYR A 292 19.42 8.35 6.56
N ILE A 293 20.39 9.10 6.05
CA ILE A 293 20.53 9.32 4.60
C ILE A 293 20.77 7.99 3.87
N LEU A 294 21.60 7.12 4.45
CA LEU A 294 21.82 5.79 3.86
C LEU A 294 20.54 4.95 3.80
N THR A 295 19.73 4.97 4.87
CA THR A 295 18.48 4.21 4.91
C THR A 295 17.53 4.61 3.80
N PHE A 296 17.18 5.90 3.72
CA PHE A 296 16.28 6.39 2.68
C PHE A 296 16.94 6.44 1.32
N GLY A 297 18.27 6.51 1.27
CA GLY A 297 18.97 6.41 0.00
C GLY A 297 18.79 5.07 -0.70
N PHE A 298 18.89 3.98 0.05
CA PHE A 298 18.62 2.65 -0.53
C PHE A 298 17.18 2.52 -0.98
N VAL A 299 16.23 3.04 -0.19
CA VAL A 299 14.83 3.10 -0.62
C VAL A 299 14.70 3.88 -1.93
N SER A 300 15.28 5.08 -1.98
CA SER A 300 15.21 5.93 -3.16
C SER A 300 15.90 5.30 -4.37
N ALA A 301 17.08 4.70 -4.16
CA ALA A 301 17.79 4.01 -5.24
C ALA A 301 16.98 2.87 -5.84
N LYS A 302 16.32 2.06 -5.01
CA LYS A 302 15.45 0.99 -5.51
C LYS A 302 14.29 1.54 -6.34
N ILE A 303 13.63 2.60 -5.85
CA ILE A 303 12.51 3.21 -6.56
C ILE A 303 12.96 3.77 -7.92
N THR A 304 14.16 4.36 -7.97
CA THR A 304 14.75 4.75 -9.25
C THR A 304 14.98 3.52 -10.15
N ASN A 305 15.53 2.44 -9.59
CA ASN A 305 15.77 1.22 -10.34
C ASN A 305 14.49 0.57 -10.84
N LYS A 306 13.41 0.67 -10.07
CA LYS A 306 12.11 0.21 -10.55
C LYS A 306 11.63 1.03 -11.74
N LEU A 307 11.88 2.34 -11.74
CA LEU A 307 11.52 3.17 -12.89
C LEU A 307 12.33 2.78 -14.12
N VAL A 308 13.62 2.49 -13.93
CA VAL A 308 14.45 1.98 -15.02
C VAL A 308 13.88 0.68 -15.56
N VAL A 309 13.52 -0.25 -14.66
CA VAL A 309 12.84 -1.49 -15.05
C VAL A 309 11.53 -1.17 -15.76
N ALA A 310 10.75 -0.23 -15.22
CA ALA A 310 9.48 0.20 -15.82
C ALA A 310 9.69 0.81 -17.20
N HIS A 311 10.76 1.61 -17.35
CA HIS A 311 11.18 2.12 -18.65
C HIS A 311 11.50 1.00 -19.61
N MET A 312 12.42 0.10 -19.21
CA MET A 312 12.91 -0.93 -20.11
C MET A 312 11.84 -1.95 -20.49
N THR A 313 10.86 -2.18 -19.61
CA THR A 313 9.76 -3.09 -19.91
C THR A 313 8.50 -2.41 -20.46
N LYS A 314 8.49 -1.07 -20.61
CA LYS A 314 7.31 -0.29 -21.03
C LYS A 314 6.06 -0.65 -20.22
N SER A 315 6.23 -0.73 -18.90
CA SER A 315 5.16 -1.12 -17.99
C SER A 315 4.79 0.01 -17.04
N GLU A 316 3.60 -0.11 -16.46
CA GLU A 316 3.13 0.80 -15.43
C GLU A 316 3.95 0.63 -14.15
N MET A 317 3.92 1.68 -13.33
CA MET A 317 4.47 1.63 -11.97
C MET A 317 3.41 1.36 -10.93
N HIS A 318 3.65 0.33 -10.12
CA HIS A 318 2.82 0.05 -8.95
C HIS A 318 3.33 0.85 -7.77
N LEU A 319 2.43 1.59 -7.11
CA LEU A 319 2.83 2.41 -5.96
C LEU A 319 3.23 1.55 -4.77
N HIS A 320 2.55 0.43 -4.58
CA HIS A 320 2.82 -0.55 -3.54
C HIS A 320 4.10 -1.32 -3.79
N ASP A 321 5.11 -1.10 -2.95
CA ASP A 321 6.37 -1.81 -3.06
C ASP A 321 6.91 -2.13 -1.68
N THR A 322 7.60 -3.27 -1.57
CA THR A 322 8.24 -3.69 -0.32
C THR A 322 9.32 -2.74 0.18
N ALA A 323 9.89 -1.90 -0.69
CA ALA A 323 10.88 -0.89 -0.29
C ALA A 323 10.36 0.05 0.80
N PHE A 324 9.05 0.30 0.85
CA PHE A 324 8.50 1.21 1.85
C PHE A 324 8.27 0.56 3.20
N ILE A 325 8.46 -0.76 3.34
CA ILE A 325 8.25 -1.46 4.62
C ILE A 325 9.20 -0.93 5.69
N GLY A 326 10.48 -0.77 5.34
CA GLY A 326 11.50 -0.24 6.22
C GLY A 326 11.18 1.16 6.76
N PRO A 327 10.94 2.14 5.87
CA PRO A 327 10.46 3.45 6.36
C PRO A 327 9.16 3.37 7.17
N ALA A 328 8.24 2.47 6.78
CA ALA A 328 6.99 2.30 7.52
C ALA A 328 7.24 1.79 8.93
N LEU A 329 8.24 0.91 9.10
CA LEU A 329 8.62 0.44 10.43
C LEU A 329 9.04 1.63 11.29
N LEU A 330 9.87 2.52 10.73
CA LEU A 330 10.24 3.75 11.42
C LEU A 330 9.02 4.62 11.67
N PHE A 331 8.15 4.75 10.66
CA PHE A 331 6.92 5.55 10.74
C PHE A 331 5.97 5.02 11.81
N LEU A 332 5.78 3.69 11.89
CA LEU A 332 4.91 3.10 12.91
C LEU A 332 5.51 3.28 14.30
N ASP A 333 6.83 3.13 14.43
CA ASP A 333 7.53 3.35 15.71
C ASP A 333 7.28 4.75 16.27
N GLN A 334 7.45 5.79 15.44
CA GLN A 334 7.11 7.15 15.84
C GLN A 334 5.63 7.36 16.16
N TYR A 335 4.76 6.52 15.59
CA TYR A 335 3.34 6.59 15.93
C TYR A 335 3.10 6.12 17.37
N PHE A 336 3.86 5.15 17.87
CA PHE A 336 3.66 4.72 19.26
C PHE A 336 4.55 5.45 20.24
N ASN A 337 4.86 6.73 20.02
CA ASN A 337 5.66 7.58 20.93
C ASN A 337 7.03 6.96 21.20
N SER A 338 7.59 6.33 20.16
CA SER A 338 8.92 5.71 20.16
C SER A 338 9.08 4.69 21.29
N PHE A 339 8.18 3.70 21.31
CA PHE A 339 8.20 2.66 22.34
C PHE A 339 9.51 1.88 22.33
N ILE A 340 10.10 1.69 21.15
CA ILE A 340 11.46 1.19 20.99
C ILE A 340 12.31 2.39 20.63
N ASP A 341 13.59 2.38 21.04
CA ASP A 341 14.55 3.39 20.61
C ASP A 341 14.69 3.44 19.08
N GLU A 342 14.34 4.60 18.52
CA GLU A 342 14.38 4.86 17.08
C GLU A 342 15.73 4.56 16.43
N TYR A 343 16.82 4.70 17.16
CA TYR A 343 18.15 4.36 16.64
C TYR A 343 18.26 2.88 16.32
N ILE A 344 17.71 2.02 17.17
CA ILE A 344 17.70 0.59 16.90
C ILE A 344 16.80 0.28 15.70
N VAL A 345 15.61 0.89 15.65
CA VAL A 345 14.68 0.72 14.53
C VAL A 345 15.29 1.20 13.21
N LEU A 346 16.04 2.29 13.25
CA LEU A 346 16.73 2.80 12.05
C LEU A 346 17.76 1.81 11.51
N TRP A 347 18.52 1.17 12.41
CA TRP A 347 19.43 0.10 11.98
C TRP A 347 18.68 -1.07 11.35
N ILE A 348 17.54 -1.46 11.95
CA ILE A 348 16.69 -2.49 11.36
C ILE A 348 16.20 -2.07 9.98
N ALA A 349 15.75 -0.81 9.87
CA ALA A 349 15.29 -0.26 8.59
C ALA A 349 16.41 -0.21 7.55
N LEU A 350 17.63 0.18 7.97
CA LEU A 350 18.79 0.16 7.08
C LEU A 350 19.08 -1.24 6.54
N VAL A 351 19.23 -2.21 7.45
CA VAL A 351 19.58 -3.59 7.07
C VAL A 351 18.53 -4.20 6.14
N PHE A 352 17.24 -4.00 6.46
CA PHE A 352 16.14 -4.47 5.60
C PHE A 352 16.22 -3.85 4.21
N SER A 353 16.30 -2.51 4.14
CA SER A 353 16.32 -1.79 2.86
C SER A 353 17.52 -2.18 1.99
N PHE A 354 18.69 -2.38 2.60
CA PHE A 354 19.86 -2.84 1.87
C PHE A 354 19.62 -4.22 1.27
N PHE A 355 19.20 -5.18 2.09
CA PHE A 355 18.93 -6.54 1.62
C PHE A 355 17.80 -6.58 0.59
N ASP A 356 16.76 -5.77 0.78
CA ASP A 356 15.62 -5.71 -0.15
C ASP A 356 16.06 -5.17 -1.52
N LEU A 357 16.88 -4.12 -1.54
CA LEU A 357 17.47 -3.62 -2.79
C LEU A 357 18.29 -4.69 -3.49
N ILE A 358 19.21 -5.33 -2.75
CA ILE A 358 20.11 -6.35 -3.30
C ILE A 358 19.32 -7.55 -3.84
N ARG A 359 18.31 -8.00 -3.07
CA ARG A 359 17.44 -9.11 -3.50
C ARG A 359 16.72 -8.80 -4.82
N TYR A 360 16.15 -7.61 -4.95
CA TYR A 360 15.50 -7.19 -6.19
C TYR A 360 16.47 -7.19 -7.36
N CYS A 361 17.61 -6.51 -7.20
CA CYS A 361 18.62 -6.37 -8.26
C CYS A 361 19.17 -7.71 -8.73
N VAL A 362 19.54 -8.59 -7.79
CA VAL A 362 20.07 -9.91 -8.15
C VAL A 362 19.02 -10.74 -8.89
N SER A 363 17.77 -10.73 -8.40
CA SER A 363 16.71 -11.50 -9.04
C SER A 363 16.39 -11.01 -10.45
N VAL A 364 16.30 -9.69 -10.64
CA VAL A 364 16.04 -9.14 -11.97
C VAL A 364 17.20 -9.41 -12.93
N CYS A 365 18.45 -9.17 -12.49
CA CYS A 365 19.63 -9.41 -13.33
C CYS A 365 19.75 -10.86 -13.75
N ASN A 366 19.56 -11.80 -12.82
CA ASN A 366 19.64 -13.23 -13.12
C ASN A 366 18.54 -13.70 -14.05
N GLN A 367 17.31 -13.19 -13.87
CA GLN A 367 16.21 -13.57 -14.76
C GLN A 367 16.42 -13.12 -16.19
N ILE A 368 16.86 -11.87 -16.38
CA ILE A 368 17.14 -11.36 -17.73
C ILE A 368 18.33 -12.11 -18.36
N ALA A 369 19.40 -12.29 -17.59
CA ALA A 369 20.60 -13.01 -18.08
C ALA A 369 20.29 -14.43 -18.54
N SER A 370 19.46 -15.15 -17.78
CA SER A 370 19.04 -16.48 -18.21
C SER A 370 18.21 -16.44 -19.50
N HIS A 371 17.34 -15.43 -19.65
CA HIS A 371 16.54 -15.33 -20.86
C HIS A 371 17.37 -14.96 -22.09
N LEU A 372 18.30 -14.02 -21.97
CA LEU A 372 19.11 -13.64 -23.14
C LEU A 372 20.34 -14.53 -23.32
N HIS A 373 20.56 -15.49 -22.42
CA HIS A 373 21.68 -16.45 -22.39
C HIS A 373 23.12 -15.86 -22.36
N ILE A 374 23.33 -14.73 -21.68
CA ILE A 374 24.68 -14.16 -21.54
C ILE A 374 24.97 -14.25 -20.03
N HIS A 375 26.23 -14.13 -19.67
CA HIS A 375 26.62 -14.00 -18.27
C HIS A 375 26.86 -12.53 -17.96
N VAL A 376 26.37 -12.12 -16.78
CA VAL A 376 26.42 -10.73 -16.34
C VAL A 376 27.86 -10.22 -16.23
N PHE A 377 28.79 -11.03 -15.71
CA PHE A 377 30.14 -10.55 -15.45
C PHE A 377 31.17 -11.30 -16.29
N ARG A 378 30.72 -12.00 -17.33
CA ARG A 378 31.64 -12.76 -18.16
C ARG A 378 31.25 -12.65 -19.63
N ILE A 379 32.23 -12.37 -20.48
CA ILE A 379 32.05 -12.42 -21.93
C ILE A 379 32.34 -13.86 -22.38
N LYS A 380 31.46 -14.39 -23.24
CA LYS A 380 31.77 -15.62 -23.96
C LYS A 380 32.86 -15.39 -25.01
N THR B 1 -27.33 15.52 -16.17
CA THR B 1 -27.34 15.05 -14.79
C THR B 1 -27.06 13.56 -14.71
N GLY B 2 -27.70 12.80 -15.59
CA GLY B 2 -27.45 11.36 -15.64
C GLY B 2 -26.06 10.95 -16.09
N CYS B 3 -25.45 11.72 -17.00
CA CYS B 3 -24.08 11.42 -17.42
C CYS B 3 -23.04 11.67 -16.33
N VAL B 4 -23.15 12.79 -15.59
CA VAL B 4 -22.20 13.07 -14.51
C VAL B 4 -22.35 12.07 -13.37
N LEU B 5 -23.60 11.76 -12.99
CA LEU B 5 -23.86 10.81 -11.90
C LEU B 5 -23.35 9.41 -12.24
N ASN B 6 -23.60 8.94 -13.47
CA ASN B 6 -23.08 7.64 -13.92
C ASN B 6 -21.56 7.61 -13.91
N LYS B 7 -20.93 8.70 -14.36
CA LYS B 7 -19.47 8.82 -14.31
C LYS B 7 -18.95 8.85 -12.88
N LEU B 8 -19.74 9.40 -11.95
CA LEU B 8 -19.32 9.46 -10.55
C LEU B 8 -19.28 8.08 -9.90
N PHE B 9 -20.15 7.16 -10.33
CA PHE B 9 -20.22 5.85 -9.69
C PHE B 9 -19.48 4.75 -10.44
N GLN B 10 -19.09 4.98 -11.69
CA GLN B 10 -18.28 3.99 -12.38
C GLN B 10 -16.80 4.16 -12.01
N LEU B 11 -16.12 3.05 -11.80
CA LEU B 11 -14.67 3.10 -11.59
C LEU B 11 -14.01 3.46 -12.93
N PRO B 12 -12.94 4.26 -12.93
CA PRO B 12 -12.26 4.57 -14.20
C PRO B 12 -11.69 3.37 -14.94
N THR B 13 -11.19 2.35 -14.23
CA THR B 13 -10.73 1.14 -14.88
C THR B 13 -11.64 -0.03 -14.53
N PRO B 14 -11.95 -0.91 -15.48
CA PRO B 14 -12.76 -2.10 -15.16
C PRO B 14 -12.10 -2.97 -14.10
N PRO B 15 -12.82 -3.31 -13.03
CA PRO B 15 -12.21 -4.09 -11.95
C PRO B 15 -11.88 -5.54 -12.31
N LEU B 16 -12.57 -6.13 -13.28
CA LEU B 16 -12.30 -7.51 -13.69
C LEU B 16 -11.73 -7.61 -15.10
N SER B 17 -10.73 -8.48 -15.26
CA SER B 17 -10.25 -8.85 -16.59
C SER B 17 -11.29 -9.74 -17.27
N ARG B 18 -11.23 -9.79 -18.61
CA ARG B 18 -12.10 -10.64 -19.42
C ARG B 18 -12.01 -12.15 -19.10
N HIS B 19 -10.85 -12.65 -18.71
CA HIS B 19 -10.74 -14.07 -18.39
C HIS B 19 -11.39 -14.47 -17.07
N GLN B 20 -11.29 -13.64 -16.02
CA GLN B 20 -12.01 -13.93 -14.78
C GLN B 20 -13.55 -13.93 -14.92
N LEU B 21 -14.15 -12.98 -15.64
CA LEU B 21 -15.61 -13.05 -15.86
C LEU B 21 -16.02 -14.35 -16.56
N LYS B 22 -15.28 -14.77 -17.59
CA LYS B 22 -15.57 -16.05 -18.23
C LYS B 22 -15.43 -17.20 -17.23
N ARG B 23 -14.40 -17.16 -16.39
CA ARG B 23 -14.23 -18.15 -15.33
C ARG B 23 -15.36 -18.07 -14.30
N LEU B 24 -15.89 -16.85 -14.07
CA LEU B 24 -17.04 -16.64 -13.20
C LEU B 24 -18.29 -17.32 -13.73
N GLU B 25 -18.47 -17.32 -15.04
CA GLU B 25 -19.59 -18.01 -15.69
C GLU B 25 -19.57 -19.51 -15.45
N GLU B 26 -18.39 -20.12 -15.31
CA GLU B 26 -18.28 -21.54 -15.04
C GLU B 26 -18.52 -21.91 -13.57
N HIS B 27 -18.62 -20.93 -12.67
CA HIS B 27 -18.86 -21.20 -11.26
C HIS B 27 -20.23 -21.83 -11.05
N ARG B 28 -20.28 -22.80 -10.14
CA ARG B 28 -21.53 -23.46 -9.76
C ARG B 28 -21.57 -23.50 -8.24
N TYR B 29 -22.59 -22.85 -7.67
CA TYR B 29 -22.87 -22.85 -6.24
C TYR B 29 -23.02 -24.25 -5.67
N GLN B 30 -22.31 -24.49 -4.56
CA GLN B 30 -22.36 -25.71 -3.78
C GLN B 30 -22.41 -25.32 -2.30
N SER B 31 -23.42 -25.82 -1.58
CA SER B 31 -23.49 -25.63 -0.14
C SER B 31 -23.76 -26.95 0.56
N ALA B 32 -23.32 -27.03 1.81
CA ALA B 32 -23.52 -28.20 2.65
C ALA B 32 -23.80 -27.77 4.09
N GLY B 33 -24.42 -28.68 4.84
CA GLY B 33 -24.82 -28.44 6.21
C GLY B 33 -26.27 -27.99 6.34
N ARG B 34 -26.68 -27.88 7.61
CA ARG B 34 -28.03 -27.54 8.01
C ARG B 34 -27.93 -26.90 9.38
N SER B 35 -28.53 -25.72 9.53
CA SER B 35 -28.59 -25.11 10.85
C SER B 35 -29.65 -25.76 11.74
N LEU B 36 -29.54 -25.47 13.04
CA LEU B 36 -30.39 -26.06 14.07
C LEU B 36 -31.84 -25.64 13.92
N LEU B 37 -32.09 -24.35 13.70
CA LEU B 37 -33.45 -23.79 13.68
C LEU B 37 -34.03 -23.68 12.28
N GLU B 38 -33.19 -23.72 11.25
CA GLU B 38 -33.58 -23.69 9.84
C GLU B 38 -34.73 -24.63 9.41
N PRO B 39 -34.79 -25.93 9.79
CA PRO B 39 -35.92 -26.77 9.31
C PRO B 39 -37.31 -26.32 9.76
N LEU B 40 -37.46 -25.75 10.96
CA LEU B 40 -38.75 -25.22 11.38
C LEU B 40 -39.16 -23.98 10.57
N MET B 41 -38.23 -23.06 10.31
CA MET B 41 -38.55 -21.86 9.53
C MET B 41 -38.82 -22.13 8.04
N GLN B 42 -38.30 -23.23 7.47
CA GLN B 42 -38.52 -23.54 6.05
C GLN B 42 -40.00 -23.58 5.69
N GLY B 43 -40.84 -24.17 6.55
CA GLY B 43 -42.27 -24.20 6.30
C GLY B 43 -42.89 -22.81 6.22
N TYR B 44 -42.44 -21.91 7.09
CA TYR B 44 -42.88 -20.52 7.05
C TYR B 44 -42.38 -19.80 5.79
N TRP B 45 -41.09 -19.96 5.46
CA TRP B 45 -40.52 -19.30 4.30
C TRP B 45 -41.07 -19.84 2.97
N GLU B 46 -41.37 -21.13 2.89
CA GLU B 46 -42.03 -21.69 1.71
C GLU B 46 -43.44 -21.13 1.52
N TRP B 47 -44.17 -20.92 2.61
CA TRP B 47 -45.47 -20.23 2.51
C TRP B 47 -45.30 -18.79 2.03
N LEU B 48 -44.34 -18.06 2.59
CA LEU B 48 -44.17 -16.64 2.27
C LEU B 48 -43.75 -16.39 0.81
N VAL B 49 -42.75 -17.12 0.33
CA VAL B 49 -42.24 -16.98 -1.04
C VAL B 49 -43.29 -17.26 -2.12
N ARG B 50 -44.22 -18.18 -1.88
CA ARG B 50 -45.28 -18.45 -2.86
C ARG B 50 -46.24 -17.28 -3.04
N ARG B 51 -46.37 -16.42 -2.03
CA ARG B 51 -47.21 -15.22 -2.14
C ARG B 51 -46.55 -14.08 -2.90
N VAL B 52 -45.23 -14.08 -3.03
CA VAL B 52 -44.54 -13.05 -3.83
C VAL B 52 -44.84 -13.26 -5.31
N PRO B 53 -45.33 -12.24 -6.03
CA PRO B 53 -45.49 -12.34 -7.49
C PRO B 53 -44.19 -12.63 -8.24
N SER B 54 -44.33 -13.44 -9.30
CA SER B 54 -43.22 -13.92 -10.13
C SER B 54 -42.52 -12.83 -10.93
N TRP B 55 -43.11 -11.65 -11.10
CA TRP B 55 -42.45 -10.57 -11.84
C TRP B 55 -41.43 -9.76 -11.02
N ILE B 56 -41.41 -9.92 -9.70
CA ILE B 56 -40.41 -9.23 -8.87
C ILE B 56 -39.06 -9.93 -9.02
N ALA B 57 -38.05 -9.17 -9.47
CA ALA B 57 -36.70 -9.70 -9.59
C ALA B 57 -36.11 -9.95 -8.20
N PRO B 58 -35.29 -11.00 -8.04
CA PRO B 58 -34.60 -11.26 -6.74
C PRO B 58 -33.84 -10.13 -6.10
N ASN B 59 -32.96 -9.46 -6.84
CA ASN B 59 -32.14 -8.37 -6.30
C ASN B 59 -32.94 -7.16 -5.80
N LEU B 60 -34.17 -6.96 -6.29
CA LEU B 60 -35.01 -5.90 -5.75
C LEU B 60 -35.51 -6.19 -4.33
N ILE B 61 -35.81 -7.46 -3.99
CA ILE B 61 -36.16 -7.82 -2.61
C ILE B 61 -35.00 -7.52 -1.66
N THR B 62 -33.79 -7.95 -2.04
CA THR B 62 -32.58 -7.74 -1.24
C THR B 62 -32.38 -6.26 -0.94
N ILE B 63 -32.52 -5.40 -1.96
CA ILE B 63 -32.33 -3.97 -1.79
C ILE B 63 -33.44 -3.38 -0.91
N ILE B 64 -34.64 -3.96 -0.96
CA ILE B 64 -35.72 -3.58 -0.04
C ILE B 64 -35.34 -3.94 1.40
N GLY B 65 -34.82 -5.15 1.60
CA GLY B 65 -34.30 -5.61 2.88
C GLY B 65 -33.26 -4.66 3.44
N LEU B 66 -32.20 -4.37 2.68
CA LEU B 66 -31.18 -3.42 3.15
C LEU B 66 -31.77 -2.06 3.51
N SER B 67 -32.66 -1.52 2.65
CA SER B 67 -33.27 -0.22 2.89
C SER B 67 -34.09 -0.18 4.18
N ILE B 68 -34.86 -1.23 4.45
CA ILE B 68 -35.58 -1.30 5.73
C ILE B 68 -34.60 -1.39 6.89
N ASN B 69 -33.57 -2.24 6.77
CA ASN B 69 -32.54 -2.39 7.79
C ASN B 69 -31.73 -1.11 8.03
N ILE B 70 -31.28 -0.45 6.96
CA ILE B 70 -30.53 0.80 7.09
C ILE B 70 -31.36 1.89 7.79
N CYS B 71 -32.59 2.11 7.32
CA CYS B 71 -33.45 3.19 7.86
C CYS B 71 -33.77 3.00 9.34
N THR B 72 -34.09 1.78 9.77
CA THR B 72 -34.41 1.53 11.17
C THR B 72 -33.20 1.68 12.08
N THR B 73 -32.04 1.14 11.66
CA THR B 73 -30.82 1.33 12.45
C THR B 73 -30.33 2.77 12.47
N ILE B 74 -30.38 3.48 11.34
CA ILE B 74 -29.95 4.89 11.29
C ILE B 74 -30.83 5.76 12.18
N LEU B 75 -32.15 5.49 12.19
CA LEU B 75 -33.05 6.16 13.12
C LEU B 75 -32.67 5.87 14.57
N LEU B 76 -32.33 4.61 14.88
CA LEU B 76 -31.87 4.26 16.22
C LEU B 76 -30.54 4.92 16.55
N VAL B 77 -29.61 4.97 15.59
CA VAL B 77 -28.36 5.71 15.74
C VAL B 77 -28.61 7.20 15.93
N PHE B 78 -29.60 7.74 15.22
CA PHE B 78 -29.97 9.16 15.36
C PHE B 78 -30.47 9.51 16.76
N TYR B 79 -31.24 8.62 17.37
CA TYR B 79 -31.68 8.88 18.74
C TYR B 79 -30.61 8.62 19.79
N CYS B 80 -29.70 7.67 19.60
CA CYS B 80 -28.76 7.29 20.65
C CYS B 80 -27.31 7.27 20.17
N PRO B 81 -26.77 8.41 19.75
CA PRO B 81 -25.41 8.40 19.18
C PRO B 81 -24.18 8.06 20.07
N THR B 82 -24.20 8.23 21.40
CA THR B 82 -23.15 7.87 22.34
C THR B 82 -23.44 6.52 22.99
N ALA B 83 -24.55 5.89 22.61
CA ALA B 83 -25.12 4.67 23.21
C ALA B 83 -25.39 4.78 24.71
N THR B 84 -25.65 5.98 25.25
CA THR B 84 -26.06 6.04 26.64
C THR B 84 -27.51 6.46 26.83
N GLU B 85 -28.11 7.14 25.85
CA GLU B 85 -29.48 7.62 26.02
C GLU B 85 -30.46 6.46 25.87
N GLN B 86 -31.72 6.72 26.22
CA GLN B 86 -32.81 5.79 25.94
C GLN B 86 -33.68 6.35 24.83
N ALA B 87 -33.81 5.59 23.74
CA ALA B 87 -34.74 5.94 22.67
C ALA B 87 -36.15 5.56 23.06
N PRO B 88 -37.16 6.18 22.46
CA PRO B 88 -38.53 5.67 22.54
C PRO B 88 -38.65 4.19 22.16
N LEU B 89 -39.50 3.49 22.92
CA LEU B 89 -39.69 2.03 22.81
C LEU B 89 -40.06 1.58 21.41
N TRP B 90 -40.88 2.36 20.69
CA TRP B 90 -41.30 2.02 19.34
C TRP B 90 -40.14 1.96 18.35
N ALA B 91 -39.05 2.67 18.61
CA ALA B 91 -37.89 2.60 17.72
C ALA B 91 -37.21 1.24 17.77
N TYR B 92 -37.09 0.66 18.98
CA TYR B 92 -36.57 -0.70 19.11
C TYR B 92 -37.52 -1.73 18.49
N ILE B 93 -38.83 -1.54 18.65
CA ILE B 93 -39.82 -2.40 18.00
C ILE B 93 -39.68 -2.32 16.48
N ALA B 94 -39.51 -1.11 15.93
CA ALA B 94 -39.32 -0.93 14.50
C ALA B 94 -38.06 -1.63 14.00
N CYS B 95 -36.97 -1.53 14.77
CA CYS B 95 -35.75 -2.27 14.46
C CYS B 95 -35.98 -3.78 14.57
N ALA B 96 -36.71 -4.21 15.61
CA ALA B 96 -37.05 -5.62 15.78
C ALA B 96 -37.87 -6.15 14.61
N CYS B 97 -38.91 -5.41 14.21
CA CYS B 97 -39.70 -5.78 13.05
C CYS B 97 -38.89 -5.72 11.77
N GLY B 98 -38.03 -4.69 11.63
CA GLY B 98 -37.19 -4.54 10.46
C GLY B 98 -36.23 -5.69 10.24
N LEU B 99 -35.58 -6.16 11.31
CA LEU B 99 -34.70 -7.31 11.23
C LEU B 99 -35.46 -8.60 10.91
N PHE B 100 -36.64 -8.77 11.48
CA PHE B 100 -37.50 -9.92 11.16
C PHE B 100 -37.89 -9.88 9.67
N ILE B 101 -38.23 -8.70 9.15
CA ILE B 101 -38.53 -8.55 7.72
C ILE B 101 -37.30 -8.85 6.87
N TYR B 102 -36.13 -8.31 7.26
CA TYR B 102 -34.86 -8.60 6.61
C TYR B 102 -34.60 -10.11 6.48
N GLN B 103 -34.58 -10.81 7.61
CA GLN B 103 -34.38 -12.27 7.64
C GLN B 103 -35.37 -13.00 6.74
N SER B 104 -36.63 -12.57 6.77
CA SER B 104 -37.67 -13.23 5.99
C SER B 104 -37.50 -12.96 4.49
N LEU B 105 -37.08 -11.74 4.15
CA LEU B 105 -36.89 -11.40 2.75
C LEU B 105 -35.61 -12.03 2.17
N ASP B 106 -34.53 -12.05 2.96
CA ASP B 106 -33.31 -12.75 2.59
C ASP B 106 -33.54 -14.24 2.30
N ALA B 107 -34.14 -14.95 3.26
CA ALA B 107 -34.35 -16.39 3.11
C ALA B 107 -35.28 -16.79 1.95
N ILE B 108 -36.08 -15.88 1.41
CA ILE B 108 -36.97 -16.24 0.31
C ILE B 108 -36.45 -15.83 -1.06
N ASP B 109 -35.39 -15.01 -1.12
CA ASP B 109 -34.91 -14.48 -2.41
C ASP B 109 -34.37 -15.58 -3.30
N GLY B 110 -33.57 -16.50 -2.73
CA GLY B 110 -33.09 -17.64 -3.48
C GLY B 110 -34.16 -18.63 -3.86
N LYS B 111 -35.20 -18.76 -3.04
CA LYS B 111 -36.35 -19.58 -3.42
C LYS B 111 -37.09 -18.97 -4.60
N GLN B 112 -37.24 -17.64 -4.61
CA GLN B 112 -37.81 -16.95 -5.76
C GLN B 112 -36.92 -17.10 -6.99
N ALA B 113 -35.61 -16.99 -6.78
CA ALA B 113 -34.64 -17.15 -7.87
C ALA B 113 -34.68 -18.55 -8.50
N ARG B 114 -34.88 -19.53 -7.65
CA ARG B 114 -34.91 -20.91 -8.17
C ARG B 114 -36.18 -21.03 -8.98
N ARG B 115 -37.31 -20.81 -8.34
CA ARG B 115 -38.62 -21.01 -8.96
C ARG B 115 -38.78 -20.31 -10.31
N THR B 116 -38.14 -19.16 -10.49
CA THR B 116 -38.29 -18.35 -11.70
C THR B 116 -37.17 -18.52 -12.71
N ASN B 117 -36.22 -19.42 -12.43
CA ASN B 117 -35.07 -19.72 -13.34
C ASN B 117 -34.16 -18.50 -13.52
N SER B 118 -34.09 -17.63 -12.53
CA SER B 118 -33.36 -16.37 -12.63
C SER B 118 -32.10 -16.39 -11.79
N SER B 119 -31.72 -17.58 -11.31
CA SER B 119 -30.44 -17.81 -10.64
C SER B 119 -29.29 -17.37 -11.55
N SER B 120 -28.39 -16.55 -11.02
CA SER B 120 -27.28 -16.04 -11.82
C SER B 120 -26.10 -15.78 -10.90
N PRO B 121 -24.86 -15.76 -11.44
CA PRO B 121 -23.73 -15.30 -10.60
C PRO B 121 -23.86 -13.90 -10.04
N LEU B 122 -24.54 -12.99 -10.75
CA LEU B 122 -24.81 -11.66 -10.20
C LEU B 122 -25.61 -11.74 -8.92
N GLY B 123 -26.61 -12.62 -8.89
CA GLY B 123 -27.44 -12.77 -7.72
C GLY B 123 -26.68 -13.25 -6.49
N GLU B 124 -25.84 -14.28 -6.66
CA GLU B 124 -24.98 -14.76 -5.58
C GLU B 124 -24.01 -13.71 -5.06
N LEU B 125 -23.35 -12.97 -5.96
CA LEU B 125 -22.47 -11.90 -5.53
C LEU B 125 -23.22 -10.79 -4.80
N PHE B 126 -24.40 -10.43 -5.30
CA PHE B 126 -25.21 -9.35 -4.71
C PHE B 126 -25.73 -9.72 -3.33
N ASP B 127 -26.24 -10.95 -3.20
CA ASP B 127 -26.73 -11.50 -1.93
C ASP B 127 -25.64 -11.42 -0.85
N HIS B 128 -24.53 -12.14 -1.05
CA HIS B 128 -23.44 -12.11 -0.07
C HIS B 128 -22.87 -10.70 0.11
N GLY B 129 -22.95 -9.88 -0.94
CA GLY B 129 -22.58 -8.48 -0.83
C GLY B 129 -23.54 -7.68 0.03
N CYS B 130 -24.82 -8.05 -0.01
CA CYS B 130 -25.83 -7.45 0.87
C CYS B 130 -25.71 -7.94 2.31
N ASP B 131 -25.43 -9.22 2.52
CA ASP B 131 -25.21 -9.75 3.86
C ASP B 131 -24.04 -9.06 4.58
N SER B 132 -22.95 -8.81 3.85
CA SER B 132 -21.78 -8.14 4.40
C SER B 132 -22.05 -6.72 4.90
N LEU B 133 -22.89 -5.96 4.21
CA LEU B 133 -23.23 -4.63 4.69
C LEU B 133 -24.19 -4.63 5.87
N SER B 134 -25.24 -5.46 5.80
CA SER B 134 -26.22 -5.59 6.88
C SER B 134 -25.62 -6.00 8.23
N THR B 135 -24.66 -6.95 8.24
CA THR B 135 -24.03 -7.42 9.47
C THR B 135 -23.45 -6.31 10.39
N VAL B 136 -22.79 -5.29 9.85
CA VAL B 136 -22.30 -4.19 10.69
C VAL B 136 -23.45 -3.46 11.41
N PHE B 137 -24.56 -3.18 10.71
CA PHE B 137 -25.68 -2.47 11.32
C PHE B 137 -26.45 -3.29 12.35
N VAL B 138 -26.62 -4.61 12.14
CA VAL B 138 -27.32 -5.43 13.13
C VAL B 138 -26.55 -5.49 14.45
N VAL B 139 -25.23 -5.71 14.40
CA VAL B 139 -24.43 -5.76 15.63
C VAL B 139 -24.35 -4.38 16.29
N LEU B 140 -24.30 -3.31 15.50
CA LEU B 140 -24.32 -1.95 16.04
C LEU B 140 -25.64 -1.67 16.74
N GLY B 141 -26.75 -2.02 16.07
CA GLY B 141 -28.07 -1.87 16.67
C GLY B 141 -28.23 -2.65 17.96
N THR B 142 -27.64 -3.85 18.00
CA THR B 142 -27.59 -4.65 19.22
C THR B 142 -26.86 -3.92 20.34
N CYS B 143 -25.71 -3.34 20.00
CA CYS B 143 -24.91 -2.57 20.96
C CYS B 143 -25.67 -1.35 21.49
N ILE B 144 -26.46 -0.70 20.64
CA ILE B 144 -27.30 0.40 21.10
C ILE B 144 -28.35 -0.11 22.08
N ALA B 145 -29.00 -1.23 21.73
CA ALA B 145 -30.06 -1.82 22.56
C ALA B 145 -29.57 -2.17 23.96
N VAL B 146 -28.33 -2.61 24.11
CA VAL B 146 -27.79 -2.95 25.42
C VAL B 146 -27.02 -1.80 26.07
N GLN B 147 -26.94 -0.64 25.41
CA GLN B 147 -26.17 0.54 25.84
C GLN B 147 -24.69 0.21 26.15
N LEU B 148 -24.05 -0.52 25.24
CA LEU B 148 -22.67 -0.96 25.42
C LEU B 148 -21.63 0.16 25.23
N GLY B 149 -22.02 1.35 24.76
CA GLY B 149 -21.12 2.49 24.69
C GLY B 149 -20.52 2.98 25.99
N THR B 150 -21.16 2.70 27.12
CA THR B 150 -20.53 3.01 28.41
C THR B 150 -19.35 2.10 28.75
N ASN B 151 -19.11 1.02 28.00
CA ASN B 151 -17.97 0.13 28.21
C ASN B 151 -17.28 -0.17 26.89
N PRO B 152 -16.53 0.82 26.35
CA PRO B 152 -15.97 0.74 24.98
C PRO B 152 -15.15 -0.48 24.61
N ASP B 153 -14.30 -1.00 25.52
CA ASP B 153 -13.51 -2.19 25.23
C ASP B 153 -14.37 -3.39 24.89
N TRP B 154 -15.48 -3.58 25.61
CA TRP B 154 -16.39 -4.66 25.25
C TRP B 154 -17.11 -4.36 23.94
N MET B 155 -17.51 -3.10 23.75
CA MET B 155 -18.13 -2.66 22.51
C MET B 155 -17.23 -2.82 21.29
N PHE B 156 -15.97 -2.42 21.41
CA PHE B 156 -14.99 -2.59 20.34
C PHE B 156 -14.82 -4.07 19.94
N PHE B 157 -14.54 -4.92 20.93
CA PHE B 157 -14.35 -6.35 20.66
C PHE B 157 -15.55 -7.02 20.00
N CYS B 158 -16.75 -6.85 20.58
CA CYS B 158 -17.95 -7.52 20.09
C CYS B 158 -18.34 -7.14 18.67
N CYS B 159 -18.29 -5.85 18.33
CA CYS B 159 -18.65 -5.41 16.98
C CYS B 159 -17.68 -5.93 15.93
N PHE B 160 -16.38 -5.83 16.21
CA PHE B 160 -15.36 -6.28 15.27
C PHE B 160 -15.25 -7.81 15.21
N ALA B 161 -15.55 -8.51 16.31
CA ALA B 161 -15.58 -9.97 16.28
C ALA B 161 -16.65 -10.49 15.33
N GLY B 162 -17.85 -9.90 15.37
CA GLY B 162 -18.91 -10.28 14.44
C GLY B 162 -18.52 -10.09 12.99
N THR B 163 -17.92 -8.94 12.66
CA THR B 163 -17.43 -8.72 11.30
C THR B 163 -16.33 -9.72 10.94
N PHE B 164 -15.41 -9.99 11.88
CA PHE B 164 -14.35 -10.95 11.64
C PHE B 164 -14.86 -12.38 11.50
N MET B 165 -15.82 -12.79 12.33
CA MET B 165 -16.42 -14.12 12.19
C MET B 165 -17.15 -14.28 10.86
N PHE B 166 -17.93 -13.27 10.46
CA PHE B 166 -18.61 -13.29 9.16
C PHE B 166 -17.64 -13.35 7.98
N TYR B 167 -16.55 -12.59 8.03
CA TYR B 167 -15.49 -12.69 7.03
C TYR B 167 -14.86 -14.08 7.00
N CYS B 168 -14.58 -14.63 8.19
CA CYS B 168 -13.96 -15.95 8.30
C CYS B 168 -14.84 -17.07 7.74
N ALA B 169 -16.18 -16.95 7.89
CA ALA B 169 -17.10 -17.90 7.25
C ALA B 169 -16.93 -17.91 5.72
N HIS B 170 -16.76 -16.72 5.15
CA HIS B 170 -16.51 -16.56 3.72
C HIS B 170 -15.09 -16.95 3.34
N TRP B 171 -14.15 -16.82 4.28
CA TRP B 171 -12.77 -17.27 4.08
C TRP B 171 -12.73 -18.79 3.87
N GLN B 172 -13.45 -19.54 4.71
CA GLN B 172 -13.61 -20.99 4.51
C GLN B 172 -14.15 -21.32 3.13
N THR B 173 -15.10 -20.51 2.64
CA THR B 173 -15.65 -20.71 1.31
C THR B 173 -14.62 -20.45 0.21
N TYR B 174 -13.80 -19.41 0.38
CA TYR B 174 -12.69 -19.17 -0.55
C TYR B 174 -11.67 -20.31 -0.62
N VAL B 175 -11.39 -21.00 0.48
CA VAL B 175 -10.46 -22.12 0.38
C VAL B 175 -11.15 -23.37 -0.15
N SER B 176 -12.31 -23.73 0.44
CA SER B 176 -12.92 -25.03 0.20
C SER B 176 -14.00 -25.04 -0.87
N GLY B 177 -14.47 -23.89 -1.35
CA GLY B 177 -15.52 -23.93 -2.34
C GLY B 177 -16.93 -24.20 -1.86
N THR B 178 -17.16 -24.39 -0.57
CA THR B 178 -18.49 -24.78 -0.09
C THR B 178 -18.86 -23.99 1.14
N LEU B 179 -20.08 -23.41 1.13
CA LEU B 179 -20.65 -22.78 2.31
C LEU B 179 -21.12 -23.83 3.31
N ARG B 180 -20.55 -23.79 4.51
CA ARG B 180 -20.84 -24.77 5.54
C ARG B 180 -21.57 -24.06 6.67
N PHE B 181 -22.78 -24.50 6.98
CA PHE B 181 -23.53 -23.92 8.09
C PHE B 181 -23.24 -24.66 9.38
N GLY B 182 -23.03 -23.89 10.45
CA GLY B 182 -22.86 -24.46 11.77
C GLY B 182 -24.18 -24.72 12.47
N ILE B 183 -24.08 -25.25 13.69
CA ILE B 183 -25.24 -25.40 14.54
C ILE B 183 -25.75 -24.04 14.98
N ILE B 184 -24.84 -23.14 15.33
CA ILE B 184 -25.15 -21.73 15.59
C ILE B 184 -24.63 -20.92 14.40
N ASP B 185 -25.55 -20.31 13.66
CA ASP B 185 -25.20 -19.53 12.48
C ASP B 185 -26.04 -18.26 12.50
N VAL B 186 -26.10 -17.58 11.34
CA VAL B 186 -26.78 -16.28 11.17
C VAL B 186 -28.19 -16.29 11.73
N THR B 187 -28.93 -17.39 11.50
CA THR B 187 -30.31 -17.51 11.97
C THR B 187 -30.39 -17.46 13.51
N GLU B 188 -29.57 -18.25 14.22
CA GLU B 188 -29.60 -18.26 15.68
C GLU B 188 -29.15 -16.93 16.27
N VAL B 189 -28.11 -16.33 15.69
CA VAL B 189 -27.61 -15.04 16.18
C VAL B 189 -28.66 -13.94 16.01
N GLN B 190 -29.29 -13.87 14.84
CA GLN B 190 -30.33 -12.88 14.59
C GLN B 190 -31.58 -13.10 15.45
N ILE B 191 -31.99 -14.35 15.65
CA ILE B 191 -33.09 -14.65 16.56
C ILE B 191 -32.75 -14.21 17.99
N PHE B 192 -31.51 -14.47 18.43
CA PHE B 192 -31.06 -13.97 19.72
C PHE B 192 -31.10 -12.45 19.81
N ILE B 193 -30.71 -11.76 18.73
CA ILE B 193 -30.77 -10.30 18.71
C ILE B 193 -32.20 -9.72 18.72
N ILE B 194 -33.15 -10.29 17.96
CA ILE B 194 -34.55 -9.83 18.02
C ILE B 194 -35.16 -9.98 19.43
N ILE B 195 -34.98 -11.13 20.08
CA ILE B 195 -35.46 -11.32 21.45
C ILE B 195 -34.81 -10.32 22.43
N MET B 196 -33.51 -10.08 22.28
CA MET B 196 -32.77 -9.13 23.12
C MET B 196 -33.32 -7.72 23.03
N HIS B 197 -33.68 -7.28 21.83
CA HIS B 197 -34.33 -5.98 21.66
C HIS B 197 -35.68 -5.94 22.38
N LEU B 198 -36.45 -7.03 22.36
CA LEU B 198 -37.70 -7.07 23.10
C LEU B 198 -37.49 -7.00 24.62
N LEU B 199 -36.43 -7.64 25.15
CA LEU B 199 -36.12 -7.46 26.56
C LEU B 199 -35.69 -6.03 26.87
N ALA B 200 -34.98 -5.37 25.95
CA ALA B 200 -34.67 -3.95 26.10
C ALA B 200 -35.93 -3.09 26.12
N VAL B 201 -36.99 -3.52 25.44
CA VAL B 201 -38.28 -2.83 25.52
C VAL B 201 -38.91 -3.05 26.89
N ILE B 202 -38.91 -4.31 27.36
CA ILE B 202 -39.62 -4.67 28.59
C ILE B 202 -38.89 -4.15 29.83
N GLY B 203 -37.56 -4.30 29.88
CA GLY B 203 -36.87 -4.01 31.12
C GLY B 203 -36.12 -2.70 31.20
N GLY B 204 -35.79 -2.11 30.04
CA GLY B 204 -35.02 -0.90 29.97
C GLY B 204 -33.64 -0.94 30.62
N PRO B 205 -33.08 0.25 30.87
CA PRO B 205 -31.81 0.37 31.63
C PRO B 205 -31.79 -0.31 33.00
N PRO B 206 -32.86 -0.28 33.85
CA PRO B 206 -32.75 -1.01 35.14
C PRO B 206 -32.47 -2.50 35.05
N PHE B 207 -33.06 -3.18 34.06
CA PHE B 207 -32.78 -4.60 33.83
C PHE B 207 -31.30 -4.78 33.44
N TRP B 208 -30.82 -3.98 32.49
CA TRP B 208 -29.44 -4.11 32.03
C TRP B 208 -28.42 -3.72 33.09
N GLN B 209 -28.79 -2.86 34.03
CA GLN B 209 -27.91 -2.49 35.14
C GLN B 209 -28.01 -3.43 36.34
N SER B 210 -29.01 -4.31 36.37
CA SER B 210 -29.16 -5.27 37.46
C SER B 210 -27.96 -6.22 37.53
N MET B 211 -27.60 -6.60 38.75
CA MET B 211 -26.47 -7.50 38.99
C MET B 211 -26.92 -8.95 38.90
N ILE B 212 -26.14 -9.76 38.17
CA ILE B 212 -26.27 -11.22 38.17
C ILE B 212 -25.65 -11.83 39.42
N PRO B 213 -26.47 -12.35 40.36
CA PRO B 213 -25.96 -12.68 41.70
C PRO B 213 -24.85 -13.73 41.76
N VAL B 214 -24.87 -14.72 40.86
CA VAL B 214 -23.89 -15.80 40.92
C VAL B 214 -22.51 -15.43 40.38
N LEU B 215 -22.42 -14.55 39.39
CA LEU B 215 -21.13 -14.31 38.76
C LEU B 215 -20.44 -13.03 39.19
N ASN B 216 -21.17 -12.11 39.83
CA ASN B 216 -20.71 -10.76 40.19
C ASN B 216 -20.16 -10.02 38.98
N ILE B 217 -20.81 -10.17 37.84
CA ILE B 217 -20.49 -9.44 36.63
C ILE B 217 -21.76 -8.70 36.24
N GLN B 218 -21.59 -7.54 35.60
CA GLN B 218 -22.73 -6.81 35.06
C GLN B 218 -23.33 -7.55 33.88
N MET B 219 -24.66 -7.43 33.77
CA MET B 219 -25.48 -8.06 32.74
C MET B 219 -25.04 -7.69 31.32
N LYS B 220 -24.53 -6.49 31.13
CA LYS B 220 -23.98 -6.02 29.86
C LYS B 220 -22.81 -6.87 29.34
N ILE B 221 -22.06 -7.55 30.20
CA ILE B 221 -20.94 -8.38 29.74
C ILE B 221 -21.43 -9.75 29.24
N PHE B 222 -22.63 -10.19 29.65
CA PHE B 222 -23.15 -11.49 29.21
C PHE B 222 -23.31 -11.63 27.69
N PRO B 223 -23.93 -10.70 26.93
CA PRO B 223 -23.86 -10.83 25.46
C PRO B 223 -22.44 -10.84 24.93
N ALA B 224 -21.56 -10.05 25.56
CA ALA B 224 -20.15 -10.01 25.18
C ALA B 224 -19.44 -11.31 25.55
N LEU B 225 -19.75 -11.88 26.72
CA LEU B 225 -19.25 -13.20 27.08
C LEU B 225 -19.77 -14.28 26.15
N CYS B 226 -21.06 -14.18 25.76
CA CYS B 226 -21.61 -15.04 24.71
C CYS B 226 -20.87 -14.85 23.40
N THR B 227 -20.49 -13.61 23.09
CA THR B 227 -19.69 -13.34 21.90
C THR B 227 -18.31 -13.97 21.99
N VAL B 228 -17.66 -13.92 23.17
CA VAL B 228 -16.38 -14.60 23.37
C VAL B 228 -16.53 -16.10 23.18
N ALA B 229 -17.49 -16.71 23.88
CA ALA B 229 -17.75 -18.14 23.78
C ALA B 229 -18.15 -18.54 22.37
N GLY B 230 -19.04 -17.76 21.76
CA GLY B 230 -19.42 -17.98 20.37
C GLY B 230 -18.28 -17.87 19.38
N THR B 231 -17.41 -16.87 19.54
CA THR B 231 -16.25 -16.71 18.67
C THR B 231 -15.30 -17.90 18.75
N ILE B 232 -14.97 -18.34 19.96
CA ILE B 232 -14.08 -19.50 20.15
C ILE B 232 -14.67 -20.77 19.51
N PHE B 233 -15.95 -21.04 19.74
CA PHE B 233 -16.62 -22.21 19.18
C PHE B 233 -16.64 -22.15 17.65
N SER B 234 -17.10 -21.02 17.10
CA SER B 234 -17.20 -20.84 15.65
C SER B 234 -15.84 -20.88 14.97
N CYS B 235 -14.83 -20.22 15.55
CA CYS B 235 -13.47 -20.25 15.01
C CYS B 235 -12.91 -21.66 14.98
N THR B 236 -13.12 -22.45 16.04
CA THR B 236 -12.67 -23.84 16.10
C THR B 236 -13.22 -24.68 14.95
N ASN B 237 -14.51 -24.54 14.61
CA ASN B 237 -15.08 -25.26 13.48
C ASN B 237 -14.51 -24.74 12.16
N TYR B 238 -14.48 -23.42 11.99
CA TYR B 238 -13.91 -22.82 10.79
C TYR B 238 -12.42 -23.12 10.61
N PHE B 239 -11.61 -22.95 11.66
CA PHE B 239 -10.15 -23.13 11.56
C PHE B 239 -9.67 -24.56 11.27
N ARG B 240 -10.35 -25.60 11.74
CA ARG B 240 -10.00 -26.96 11.30
C ARG B 240 -10.04 -27.10 9.77
N VAL B 241 -11.10 -26.60 9.12
CA VAL B 241 -11.24 -26.72 7.67
C VAL B 241 -10.23 -25.90 6.87
N ILE B 242 -9.86 -24.67 7.29
CA ILE B 242 -8.84 -23.93 6.53
C ILE B 242 -7.49 -24.65 6.53
N PHE B 243 -7.10 -25.23 7.67
CA PHE B 243 -5.80 -25.87 7.75
C PHE B 243 -5.75 -27.29 7.20
N THR B 244 -6.89 -28.00 7.12
CA THR B 244 -6.86 -29.39 6.67
C THR B 244 -7.65 -29.62 5.39
N GLY B 245 -8.45 -28.65 4.94
CA GLY B 245 -9.41 -28.89 3.89
C GLY B 245 -9.09 -28.22 2.57
N GLY B 246 -7.85 -27.77 2.39
CA GLY B 246 -7.45 -27.11 1.17
C GLY B 246 -7.49 -28.03 -0.04
N VAL B 247 -8.28 -27.66 -1.04
CA VAL B 247 -8.44 -28.47 -2.25
C VAL B 247 -7.47 -28.12 -3.37
N GLY B 248 -6.69 -27.05 -3.23
CA GLY B 248 -5.71 -26.72 -4.24
C GLY B 248 -4.48 -27.59 -4.18
N LYS B 249 -3.57 -27.34 -5.14
CA LYS B 249 -2.28 -28.01 -5.19
C LYS B 249 -1.49 -27.84 -3.90
N ASN B 250 -1.03 -28.97 -3.35
CA ASN B 250 -0.28 -29.06 -2.09
C ASN B 250 -1.06 -28.48 -0.91
N GLY B 251 -2.39 -28.58 -0.96
CA GLY B 251 -3.24 -28.06 0.09
C GLY B 251 -3.41 -26.56 0.11
N SER B 252 -3.11 -25.87 -0.99
CA SER B 252 -3.36 -24.43 -1.06
C SER B 252 -4.84 -24.15 -1.29
N THR B 253 -5.19 -22.85 -1.33
CA THR B 253 -6.53 -22.44 -1.71
C THR B 253 -6.85 -22.83 -3.16
N ILE B 254 -8.15 -22.73 -3.50
CA ILE B 254 -8.61 -22.97 -4.87
C ILE B 254 -7.99 -22.02 -5.89
N ALA B 255 -7.53 -20.83 -5.48
CA ALA B 255 -6.85 -19.91 -6.37
C ALA B 255 -5.34 -20.13 -6.43
N GLY B 256 -4.82 -21.09 -5.68
CA GLY B 256 -3.39 -21.32 -5.61
C GLY B 256 -2.63 -20.36 -4.71
N THR B 257 -3.32 -19.55 -3.92
CA THR B 257 -2.65 -18.64 -3.00
C THR B 257 -2.55 -19.28 -1.62
N SER B 258 -1.66 -18.73 -0.79
CA SER B 258 -1.53 -19.12 0.62
C SER B 258 -2.87 -19.07 1.34
N VAL B 259 -3.13 -20.10 2.15
CA VAL B 259 -4.31 -20.14 3.02
C VAL B 259 -4.36 -19.03 4.07
N LEU B 260 -3.23 -18.37 4.38
CA LEU B 260 -3.23 -17.24 5.31
C LEU B 260 -3.48 -15.89 4.65
N SER B 261 -3.53 -15.82 3.32
CA SER B 261 -3.69 -14.53 2.65
C SER B 261 -4.96 -13.72 2.99
N PRO B 262 -6.16 -14.30 3.19
CA PRO B 262 -7.29 -13.43 3.58
C PRO B 262 -7.20 -12.85 4.98
N PHE B 263 -6.48 -13.51 5.89
CA PHE B 263 -6.29 -13.02 7.26
C PHE B 263 -5.71 -11.61 7.30
N LEU B 264 -4.73 -11.34 6.42
CA LEU B 264 -4.06 -10.04 6.38
C LEU B 264 -5.01 -8.89 6.10
N HIS B 265 -6.04 -9.11 5.29
CA HIS B 265 -6.96 -8.03 4.92
C HIS B 265 -7.85 -7.66 6.09
N ILE B 266 -8.59 -8.62 6.65
CA ILE B 266 -9.47 -8.34 7.78
C ILE B 266 -8.64 -8.01 9.02
N GLY B 267 -7.47 -8.63 9.15
CA GLY B 267 -6.54 -8.29 10.23
C GLY B 267 -6.10 -6.84 10.20
N SER B 268 -5.74 -6.33 9.01
CA SER B 268 -5.40 -4.92 8.83
C SER B 268 -6.54 -4.00 9.23
N VAL B 269 -7.78 -4.35 8.89
CA VAL B 269 -8.94 -3.54 9.28
C VAL B 269 -9.07 -3.49 10.79
N ILE B 270 -9.01 -4.66 11.44
CA ILE B 270 -9.14 -4.75 12.88
C ILE B 270 -7.97 -4.07 13.59
N THR B 271 -6.75 -4.26 13.06
CA THR B 271 -5.57 -3.62 13.64
C THR B 271 -5.63 -2.10 13.55
N LEU B 272 -6.01 -1.56 12.38
CA LEU B 272 -6.19 -0.10 12.21
C LEU B 272 -7.22 0.47 13.18
N ALA B 273 -8.34 -0.23 13.36
CA ALA B 273 -9.34 0.18 14.35
C ALA B 273 -8.72 0.23 15.75
N ALA B 274 -7.87 -0.74 16.06
CA ALA B 274 -7.19 -0.82 17.36
C ALA B 274 -6.14 0.29 17.51
N MET B 275 -5.39 0.60 16.43
CA MET B 275 -4.39 1.67 16.50
C MET B 275 -5.02 3.03 16.81
N ILE B 276 -6.10 3.37 16.09
CA ILE B 276 -6.77 4.66 16.27
C ILE B 276 -7.42 4.79 17.65
N TYR B 277 -8.03 3.71 18.16
CA TYR B 277 -8.57 3.70 19.52
C TYR B 277 -7.51 3.98 20.60
N LYS B 278 -6.44 3.18 20.66
CA LYS B 278 -5.53 3.32 21.79
C LYS B 278 -4.67 4.58 21.75
N LYS B 279 -4.49 5.19 20.59
CA LYS B 279 -3.67 6.41 20.53
C LYS B 279 -4.46 7.70 20.63
N SER B 280 -5.78 7.67 20.41
CA SER B 280 -6.59 8.89 20.40
C SER B 280 -6.52 9.67 21.72
N ALA B 281 -6.05 10.91 21.62
CA ALA B 281 -5.97 11.82 22.75
C ALA B 281 -7.31 12.39 23.18
N VAL B 282 -8.30 12.43 22.29
CA VAL B 282 -9.59 13.03 22.59
C VAL B 282 -10.66 12.01 23.00
N GLN B 283 -10.29 10.72 23.12
CA GLN B 283 -11.24 9.61 23.42
C GLN B 283 -12.35 9.55 22.36
N LEU B 284 -11.90 9.53 21.10
CA LEU B 284 -12.75 9.65 19.91
C LEU B 284 -13.88 8.64 19.86
N PHE B 285 -13.60 7.37 20.18
CA PHE B 285 -14.61 6.33 20.13
C PHE B 285 -15.65 6.55 21.23
N GLU B 286 -15.21 6.95 22.43
CA GLU B 286 -16.14 7.14 23.55
C GLU B 286 -17.10 8.31 23.30
N LYS B 287 -16.66 9.37 22.63
CA LYS B 287 -17.55 10.48 22.31
C LYS B 287 -18.42 10.23 21.08
N HIS B 288 -17.94 9.47 20.09
CA HIS B 288 -18.65 9.26 18.82
C HIS B 288 -18.71 7.80 18.37
N PRO B 289 -19.24 6.89 19.20
CA PRO B 289 -19.09 5.44 18.89
C PRO B 289 -19.80 4.96 17.64
N CYS B 290 -21.03 5.41 17.39
CA CYS B 290 -21.79 4.97 16.21
C CYS B 290 -21.12 5.38 14.90
N LEU B 291 -20.66 6.63 14.82
CA LEU B 291 -19.97 7.13 13.63
C LEU B 291 -18.69 6.35 13.34
N TYR B 292 -17.93 5.99 14.37
CA TYR B 292 -16.70 5.19 14.20
C TYR B 292 -17.01 3.80 13.65
N ILE B 293 -17.96 3.09 14.25
CA ILE B 293 -18.32 1.75 13.80
C ILE B 293 -18.83 1.75 12.36
N LEU B 294 -19.63 2.76 11.99
CA LEU B 294 -20.08 2.89 10.61
C LEU B 294 -18.93 3.12 9.62
N THR B 295 -17.96 3.95 9.99
CA THR B 295 -16.80 4.22 9.13
C THR B 295 -16.02 2.95 8.80
N PHE B 296 -15.56 2.24 9.83
CA PHE B 296 -14.81 1.01 9.64
C PHE B 296 -15.69 -0.14 9.17
N GLY B 297 -16.98 -0.09 9.45
CA GLY B 297 -17.90 -1.07 8.91
C GLY B 297 -17.99 -1.06 7.39
N PHE B 298 -18.06 0.13 6.79
CA PHE B 298 -18.05 0.22 5.32
C PHE B 298 -16.72 -0.26 4.74
N VAL B 299 -15.60 0.07 5.39
CA VAL B 299 -14.30 -0.48 5.00
C VAL B 299 -14.31 -1.99 5.07
N SER B 300 -14.78 -2.54 6.20
CA SER B 300 -14.83 -3.99 6.39
C SER B 300 -15.77 -4.68 5.42
N ALA B 301 -16.95 -4.10 5.18
CA ALA B 301 -17.91 -4.63 4.22
C ALA B 301 -17.34 -4.70 2.80
N LYS B 302 -16.62 -3.66 2.37
CA LYS B 302 -15.98 -3.68 1.06
C LYS B 302 -14.93 -4.78 0.96
N ILE B 303 -14.09 -4.93 1.99
CA ILE B 303 -13.05 -5.95 2.01
C ILE B 303 -13.67 -7.35 1.96
N THR B 304 -14.79 -7.56 2.66
CA THR B 304 -15.55 -8.80 2.51
C THR B 304 -16.06 -8.99 1.07
N ASN B 305 -16.62 -7.92 0.49
CA ASN B 305 -17.12 -7.97 -0.89
C ASN B 305 -16.01 -8.23 -1.91
N LYS B 306 -14.81 -7.71 -1.66
CA LYS B 306 -13.66 -8.06 -2.50
C LYS B 306 -13.31 -9.54 -2.40
N LEU B 307 -13.43 -10.14 -1.21
CA LEU B 307 -13.19 -11.58 -1.08
C LEU B 307 -14.24 -12.38 -1.83
N VAL B 308 -15.50 -11.94 -1.78
CA VAL B 308 -16.56 -12.56 -2.57
C VAL B 308 -16.22 -12.47 -4.06
N VAL B 309 -15.81 -11.28 -4.52
CA VAL B 309 -15.34 -11.11 -5.90
C VAL B 309 -14.15 -12.03 -6.17
N ALA B 310 -13.19 -12.08 -5.23
CA ALA B 310 -12.01 -12.93 -5.36
C ALA B 310 -12.40 -14.41 -5.41
N HIS B 311 -13.38 -14.80 -4.60
CA HIS B 311 -13.96 -16.14 -4.66
C HIS B 311 -14.57 -16.41 -6.03
N MET B 312 -15.48 -15.55 -6.47
CA MET B 312 -16.24 -15.79 -7.71
C MET B 312 -15.36 -15.75 -8.95
N THR B 313 -14.27 -14.97 -8.92
CA THR B 313 -13.33 -14.92 -10.04
C THR B 313 -12.13 -15.85 -9.91
N LYS B 314 -12.01 -16.62 -8.81
CA LYS B 314 -10.84 -17.48 -8.53
C LYS B 314 -9.52 -16.73 -8.69
N SER B 315 -9.45 -15.53 -8.13
CA SER B 315 -8.29 -14.65 -8.24
C SER B 315 -7.65 -14.41 -6.88
N GLU B 316 -6.39 -13.97 -6.94
CA GLU B 316 -5.66 -13.55 -5.76
C GLU B 316 -6.25 -12.27 -5.18
N MET B 317 -5.97 -12.04 -3.90
CA MET B 317 -6.28 -10.79 -3.23
C MET B 317 -5.09 -9.85 -3.17
N HIS B 318 -5.29 -8.62 -3.66
CA HIS B 318 -4.30 -7.57 -3.52
C HIS B 318 -4.51 -6.85 -2.19
N LEU B 319 -3.45 -6.72 -1.40
CA LEU B 319 -3.55 -6.08 -0.09
C LEU B 319 -3.83 -4.58 -0.23
N HIS B 320 -3.23 -3.96 -1.25
CA HIS B 320 -3.42 -2.55 -1.59
C HIS B 320 -4.80 -2.27 -2.15
N ASP B 321 -5.62 -1.53 -1.41
CA ASP B 321 -6.95 -1.16 -1.86
C ASP B 321 -7.27 0.26 -1.41
N THR B 322 -8.04 0.97 -2.24
CA THR B 322 -8.49 2.32 -1.94
C THR B 322 -9.36 2.42 -0.68
N ALA B 323 -9.99 1.31 -0.25
CA ALA B 323 -10.78 1.29 0.98
C ALA B 323 -9.99 1.74 2.21
N PHE B 324 -8.68 1.53 2.23
CA PHE B 324 -7.86 1.92 3.38
C PHE B 324 -7.47 3.39 3.39
N ILE B 325 -7.77 4.15 2.33
CA ILE B 325 -7.41 5.58 2.26
C ILE B 325 -8.11 6.36 3.38
N GLY B 326 -9.40 6.11 3.57
CA GLY B 326 -10.19 6.74 4.62
C GLY B 326 -9.64 6.52 6.03
N PRO B 327 -9.46 5.26 6.45
CA PRO B 327 -8.76 4.99 7.72
C PRO B 327 -7.37 5.60 7.80
N ALA B 328 -6.63 5.60 6.68
CA ALA B 328 -5.29 6.19 6.65
C ALA B 328 -5.34 7.69 6.89
N LEU B 329 -6.38 8.37 6.36
CA LEU B 329 -6.57 9.79 6.63
C LEU B 329 -6.71 10.03 8.14
N LEU B 330 -7.53 9.20 8.80
CA LEU B 330 -7.64 9.25 10.25
C LEU B 330 -6.30 8.94 10.91
N PHE B 331 -5.63 7.89 10.42
CA PHE B 331 -4.33 7.46 10.94
C PHE B 331 -3.26 8.55 10.79
N LEU B 332 -3.20 9.22 9.65
CA LEU B 332 -2.24 10.31 9.44
C LEU B 332 -2.55 11.51 10.33
N ASP B 333 -3.84 11.82 10.49
CA ASP B 333 -4.28 12.91 11.37
C ASP B 333 -3.80 12.71 12.82
N GLN B 334 -3.99 11.51 13.37
CA GLN B 334 -3.46 11.17 14.70
C GLN B 334 -1.94 11.20 14.76
N TYR B 335 -1.25 11.01 13.62
CA TYR B 335 0.20 11.13 13.58
C TYR B 335 0.64 12.58 13.79
N PHE B 336 -0.13 13.56 13.30
CA PHE B 336 0.27 14.95 13.52
C PHE B 336 -0.36 15.57 14.76
N ASN B 337 -0.57 14.79 15.83
CA ASN B 337 -1.11 15.27 17.12
C ASN B 337 -2.46 15.94 16.94
N SER B 338 -3.26 15.40 16.02
CA SER B 338 -4.63 15.83 15.70
C SER B 338 -4.70 17.31 15.37
N PHE B 339 -3.91 17.70 14.35
CA PHE B 339 -3.86 19.11 13.91
C PHE B 339 -5.22 19.59 13.44
N ILE B 340 -6.02 18.71 12.85
CA ILE B 340 -7.43 18.97 12.57
C ILE B 340 -8.22 18.16 13.61
N ASP B 341 -9.39 18.66 14.00
CA ASP B 341 -10.31 17.91 14.86
C ASP B 341 -10.70 16.57 14.23
N GLU B 342 -10.33 15.49 14.93
CA GLU B 342 -10.61 14.11 14.51
C GLU B 342 -12.06 13.82 14.18
N TYR B 343 -13.00 14.52 14.83
CA TYR B 343 -14.42 14.36 14.53
C TYR B 343 -14.73 14.80 13.11
N ILE B 344 -14.14 15.90 12.65
CA ILE B 344 -14.32 16.33 11.26
C ILE B 344 -13.68 15.34 10.29
N VAL B 345 -12.46 14.87 10.61
CA VAL B 345 -11.77 13.88 9.78
C VAL B 345 -12.54 12.56 9.70
N LEU B 346 -13.16 12.15 10.82
CA LEU B 346 -13.99 10.94 10.83
C LEU B 346 -15.19 11.05 9.90
N TRP B 347 -15.85 12.21 9.88
CA TRP B 347 -16.92 12.45 8.90
C TRP B 347 -16.42 12.38 7.47
N ILE B 348 -15.24 12.96 7.20
CA ILE B 348 -14.61 12.85 5.89
C ILE B 348 -14.33 11.39 5.55
N ALA B 349 -13.79 10.64 6.51
CA ALA B 349 -13.50 9.22 6.32
C ALA B 349 -14.77 8.40 6.11
N LEU B 350 -15.85 8.72 6.84
CA LEU B 350 -17.14 8.07 6.62
C LEU B 350 -17.66 8.30 5.20
N VAL B 351 -17.77 9.56 4.79
CA VAL B 351 -18.31 9.93 3.48
C VAL B 351 -17.50 9.29 2.34
N PHE B 352 -16.16 9.34 2.44
CA PHE B 352 -15.29 8.69 1.46
C PHE B 352 -15.54 7.20 1.37
N SER B 353 -15.50 6.50 2.52
CA SER B 353 -15.67 5.05 2.58
C SER B 353 -17.02 4.59 2.05
N PHE B 354 -18.08 5.36 2.35
CA PHE B 354 -19.41 5.06 1.82
C PHE B 354 -19.43 5.16 0.30
N PHE B 355 -18.96 6.29 -0.24
CA PHE B 355 -18.93 6.49 -1.69
C PHE B 355 -18.00 5.50 -2.39
N ASP B 356 -16.86 5.17 -1.77
CA ASP B 356 -15.91 4.21 -2.34
C ASP B 356 -16.51 2.80 -2.42
N LEU B 357 -17.22 2.37 -1.36
CA LEU B 357 -17.96 1.10 -1.39
C LEU B 357 -19.00 1.10 -2.51
N ILE B 358 -19.84 2.13 -2.57
CA ILE B 358 -20.91 2.22 -3.56
C ILE B 358 -20.36 2.25 -4.98
N ARG B 359 -19.29 3.02 -5.20
CA ARG B 359 -18.62 3.08 -6.51
C ARG B 359 -18.12 1.71 -6.97
N TYR B 360 -17.45 0.97 -6.09
CA TYR B 360 -16.98 -0.38 -6.40
C TYR B 360 -18.14 -1.31 -6.76
N CYS B 361 -19.16 -1.37 -5.90
CA CYS B 361 -20.31 -2.25 -6.08
C CYS B 361 -21.08 -1.96 -7.37
N VAL B 362 -21.37 -0.68 -7.64
CA VAL B 362 -22.08 -0.32 -8.87
C VAL B 362 -21.28 -0.68 -10.12
N SER B 363 -19.97 -0.39 -10.11
CA SER B 363 -19.11 -0.70 -11.24
C SER B 363 -18.99 -2.20 -11.52
N VAL B 364 -18.81 -3.00 -10.46
CA VAL B 364 -18.73 -4.45 -10.62
C VAL B 364 -20.06 -5.03 -11.11
N CYS B 365 -21.18 -4.63 -10.48
CA CYS B 365 -22.50 -5.14 -10.86
C CYS B 365 -22.85 -4.80 -12.31
N ASN B 366 -22.59 -3.55 -12.73
CA ASN B 366 -22.87 -3.13 -14.10
C ASN B 366 -22.01 -3.85 -15.13
N GLN B 367 -20.73 -4.05 -14.82
CA GLN B 367 -19.83 -4.76 -15.73
C GLN B 367 -20.26 -6.20 -15.96
N ILE B 368 -20.58 -6.92 -14.88
CA ILE B 368 -21.04 -8.30 -15.00
C ILE B 368 -22.38 -8.38 -15.73
N ALA B 369 -23.33 -7.51 -15.36
CA ALA B 369 -24.65 -7.46 -16.00
C ALA B 369 -24.58 -7.23 -17.51
N SER B 370 -23.71 -6.32 -17.93
CA SER B 370 -23.51 -6.10 -19.37
C SER B 370 -22.92 -7.32 -20.05
N HIS B 371 -21.99 -8.02 -19.39
CA HIS B 371 -21.41 -9.23 -19.99
C HIS B 371 -22.39 -10.39 -20.09
N LEU B 372 -23.19 -10.64 -19.05
CA LEU B 372 -24.15 -11.73 -19.11
C LEU B 372 -25.48 -11.35 -19.76
N HIS B 373 -25.63 -10.08 -20.15
CA HIS B 373 -26.82 -9.48 -20.78
C HIS B 373 -28.16 -9.59 -20.00
N ILE B 374 -28.13 -9.51 -18.67
CA ILE B 374 -29.37 -9.52 -17.87
C ILE B 374 -29.40 -8.13 -17.21
N HIS B 375 -30.57 -7.73 -16.73
CA HIS B 375 -30.68 -6.53 -15.91
C HIS B 375 -30.72 -6.93 -14.45
N VAL B 376 -29.99 -6.15 -13.64
CA VAL B 376 -29.81 -6.42 -12.21
C VAL B 376 -31.16 -6.41 -11.46
N PHE B 377 -32.06 -5.47 -11.78
CA PHE B 377 -33.29 -5.33 -11.00
C PHE B 377 -34.52 -5.60 -11.86
N ARG B 378 -34.34 -6.23 -13.02
CA ARG B 378 -35.46 -6.50 -13.91
C ARG B 378 -35.31 -7.87 -14.55
N ILE B 379 -36.40 -8.65 -14.52
CA ILE B 379 -36.49 -9.90 -15.26
C ILE B 379 -36.98 -9.59 -16.67
N LYS B 380 -36.34 -10.18 -17.67
CA LYS B 380 -36.89 -10.19 -19.02
C LYS B 380 -38.11 -11.10 -19.11
#